data_8VRP
#
_entry.id   8VRP
#
_cell.length_a   160.268
_cell.length_b   160.268
_cell.length_c   57.235
_cell.angle_alpha   90.000
_cell.angle_beta   90.000
_cell.angle_gamma   120.000
#
_symmetry.space_group_name_H-M   'P 6'
#
loop_
_entity.id
_entity.type
_entity.pdbx_description
1 polymer 'Spacer peptide 1'
2 non-polymer N-[(1S)-1-[(3P,7M)-3-{4-chloro-3-[(ethanesulfonyl)amino]-1-(2,2,2-trifluoroethyl)-1H-indazol-7-yl}-7-(3-fluoro-4-formylphenyl)-4-oxo-3,4-dihydroquinazolin-2-yl]-2-(3,5-difluorophenyl)ethyl]-2-[3-(trifluoromethyl)-5,6-dihydrocyclopenta[c]pyrazol-1(4H)-yl]acetamide
3 non-polymer 'IODIDE ION'
4 water water
#
_entity_poly.entity_id   1
_entity_poly.type   'polypeptide(L)'
_entity_poly.pdbx_seq_one_letter_code
;PIVQNLQGQMVHQCISPRTLNAWVKVVEEKAFSPEVIPMFSALSCGATPQDLNTMLNTVGGHQAAMQMLKETINEEAAEW
DRLHPVHAGPIAPGQMREPRGSDIAGTTSTLQEQIGWMTHNPPIPVGEIYKRWIILGLNKIVRMYSPTSILDIRQGPKEP
FRDYVDRFYKTLRAEQASQEVKNAATETLLVQNANPDCKTILKALGPGATLEEMMTACQGVGGPGHKAR
;
_entity_poly.pdbx_strand_id   B,C,A
#
loop_
_chem_comp.id
_chem_comp.type
_chem_comp.name
_chem_comp.formula
A1ADQ non-polymer N-[(1S)-1-[(3P,7M)-3-{4-chloro-3-[(ethanesulfonyl)amino]-1-(2,2,2-trifluoroethyl)-1H-indazol-7-yl}-7-(3-fluoro-4-formylphenyl)-4-oxo-3,4-dihydroquinazolin-2-yl]-2-(3,5-difluorophenyl)ethyl]-2-[3-(trifluoromethyl)-5,6-dihydrocyclopenta[c]pyrazol-1(4H)-yl]acetamide 'C43 H32 Cl F9 N8 O5 S'
IOD non-polymer 'IODIDE ION' 'I -1'
#
# COMPACT_ATOMS: atom_id res chain seq x y z
N PRO A 1 24.45 13.55 -8.65
CA PRO A 1 23.60 13.41 -9.81
C PRO A 1 23.86 14.58 -10.75
N ILE A 2 23.38 14.48 -11.99
CA ILE A 2 23.31 15.58 -12.92
C ILE A 2 21.84 15.98 -12.97
N VAL A 3 21.54 17.23 -12.62
CA VAL A 3 20.15 17.71 -12.58
C VAL A 3 20.08 19.03 -13.34
N GLN A 4 18.85 19.45 -13.68
CA GLN A 4 18.62 20.80 -14.17
C GLN A 4 18.48 21.73 -12.96
N ASN A 5 19.13 22.89 -13.03
CA ASN A 5 18.95 23.89 -11.99
C ASN A 5 17.67 24.69 -12.30
N LEU A 6 17.45 25.78 -11.55
CA LEU A 6 16.33 26.69 -11.76
C LEU A 6 16.48 27.47 -13.08
N GLN A 7 17.70 27.64 -13.62
CA GLN A 7 17.93 28.47 -14.81
C GLN A 7 18.35 27.62 -16.02
N GLY A 8 17.80 26.41 -16.14
CA GLY A 8 17.74 25.65 -17.39
C GLY A 8 19.09 25.09 -17.88
N GLN A 9 19.94 24.58 -16.98
CA GLN A 9 21.26 24.07 -17.36
C GLN A 9 21.54 22.76 -16.59
N MET A 10 22.13 21.75 -17.27
CA MET A 10 22.44 20.47 -16.65
C MET A 10 23.73 20.61 -15.84
N VAL A 11 23.65 20.44 -14.50
CA VAL A 11 24.79 20.62 -13.61
C VAL A 11 24.97 19.40 -12.69
N HIS A 12 26.18 19.24 -12.18
CA HIS A 12 26.47 18.20 -11.21
C HIS A 12 26.08 18.66 -9.82
N GLN A 13 25.39 17.81 -9.06
CA GLN A 13 25.15 18.06 -7.64
C GLN A 13 25.67 16.86 -6.86
N CYS A 14 26.11 17.10 -5.63
CA CYS A 14 26.42 16.03 -4.69
C CYS A 14 25.20 15.16 -4.39
N ILE A 15 25.46 13.86 -4.25
CA ILE A 15 24.44 12.96 -3.75
C ILE A 15 24.06 13.44 -2.34
N SER A 16 22.77 13.41 -1.98
CA SER A 16 22.32 13.99 -0.73
C SER A 16 22.40 12.96 0.37
N PRO A 17 22.62 13.39 1.63
CA PRO A 17 22.54 12.47 2.77
C PRO A 17 21.23 11.69 2.86
N ARG A 18 20.12 12.30 2.45
CA ARG A 18 18.82 11.64 2.46
C ARG A 18 18.83 10.44 1.50
N THR A 19 19.28 10.67 0.27
CA THR A 19 19.32 9.64 -0.76
C THR A 19 20.17 8.47 -0.28
N LEU A 20 21.35 8.79 0.23
CA LEU A 20 22.29 7.77 0.69
C LEU A 20 21.64 6.92 1.76
N ASN A 21 21.15 7.58 2.81
CA ASN A 21 20.47 6.91 3.92
C ASN A 21 19.25 6.10 3.44
N ALA A 22 18.43 6.64 2.51
CA ALA A 22 17.25 5.91 2.05
C ALA A 22 17.69 4.56 1.46
N TRP A 23 18.77 4.56 0.70
CA TRP A 23 19.20 3.35 0.02
C TRP A 23 19.75 2.36 1.02
N VAL A 24 20.57 2.84 1.94
CA VAL A 24 21.17 1.97 2.93
C VAL A 24 20.06 1.27 3.71
N LYS A 25 19.04 2.05 4.14
CA LYS A 25 17.94 1.54 4.95
C LYS A 25 17.06 0.54 4.20
N VAL A 26 16.81 0.79 2.93
CA VAL A 26 16.08 -0.14 2.09
C VAL A 26 16.75 -1.51 2.06
N VAL A 27 18.08 -1.55 1.89
CA VAL A 27 18.77 -2.82 1.83
C VAL A 27 18.73 -3.49 3.19
N GLU A 28 18.99 -2.72 4.24
CA GLU A 28 18.94 -3.27 5.60
C GLU A 28 17.57 -3.86 5.91
N GLU A 29 16.49 -3.23 5.43
CA GLU A 29 15.14 -3.62 5.87
C GLU A 29 14.54 -4.71 4.99
N LYS A 30 14.91 -4.77 3.70
CA LYS A 30 14.18 -5.56 2.72
C LYS A 30 15.10 -6.50 1.96
N ALA A 31 16.41 -6.39 2.16
CA ALA A 31 17.41 -7.20 1.45
C ALA A 31 17.19 -7.07 -0.05
N PHE A 32 16.98 -8.19 -0.76
CA PHE A 32 16.72 -8.14 -2.19
C PHE A 32 15.34 -8.69 -2.55
N SER A 33 14.34 -8.31 -1.75
CA SER A 33 12.93 -8.38 -2.16
C SER A 33 12.78 -7.62 -3.46
N PRO A 34 11.81 -7.99 -4.31
CA PRO A 34 11.70 -7.34 -5.61
C PRO A 34 11.60 -5.82 -5.54
N GLU A 35 11.01 -5.27 -4.47
CA GLU A 35 10.73 -3.83 -4.42
C GLU A 35 12.02 -3.03 -4.29
N VAL A 36 13.13 -3.70 -3.94
CA VAL A 36 14.39 -3.00 -3.83
C VAL A 36 14.85 -2.49 -5.19
N ILE A 37 14.40 -3.10 -6.29
CA ILE A 37 14.82 -2.68 -7.61
C ILE A 37 14.22 -1.32 -8.00
N PRO A 38 12.88 -1.13 -8.00
CA PRO A 38 12.35 0.20 -8.31
C PRO A 38 12.82 1.26 -7.30
N MET A 39 13.11 0.89 -6.07
CA MET A 39 13.65 1.83 -5.11
C MET A 39 15.08 2.28 -5.49
N PHE A 40 15.91 1.31 -5.88
CA PHE A 40 17.22 1.65 -6.41
C PHE A 40 17.11 2.57 -7.62
N SER A 41 16.21 2.21 -8.54
CA SER A 41 16.02 2.95 -9.78
C SER A 41 15.62 4.40 -9.53
N ALA A 42 14.71 4.61 -8.60
CA ALA A 42 14.25 5.95 -8.26
C ALA A 42 15.28 6.75 -7.44
N LEU A 43 15.99 6.09 -6.52
CA LEU A 43 16.96 6.83 -5.72
C LEU A 43 18.17 7.23 -6.55
N SER A 44 18.41 6.55 -7.69
CA SER A 44 19.57 6.78 -8.53
C SER A 44 19.25 7.66 -9.73
N CYS A 45 18.08 8.30 -9.70
CA CYS A 45 17.69 9.21 -10.77
C CYS A 45 18.75 10.31 -10.95
N GLY A 46 19.31 10.41 -12.16
CA GLY A 46 20.29 11.44 -12.48
C GLY A 46 21.73 11.04 -12.16
N ALA A 47 21.93 9.86 -11.57
CA ALA A 47 23.24 9.47 -11.05
C ALA A 47 24.31 9.39 -12.14
N THR A 48 25.51 9.84 -11.79
CA THR A 48 26.73 9.53 -12.51
C THR A 48 27.15 8.09 -12.18
N PRO A 49 28.03 7.47 -13.00
CA PRO A 49 28.70 6.25 -12.55
C PRO A 49 29.34 6.30 -11.17
N GLN A 50 30.00 7.41 -10.84
CA GLN A 50 30.55 7.56 -9.50
C GLN A 50 29.47 7.44 -8.42
N ASP A 51 28.30 8.10 -8.60
CA ASP A 51 27.21 7.98 -7.66
C ASP A 51 26.69 6.55 -7.54
N LEU A 52 26.56 5.87 -8.68
CA LEU A 52 26.09 4.49 -8.65
C LEU A 52 27.04 3.58 -7.87
N ASN A 53 28.34 3.75 -8.09
CA ASN A 53 29.37 3.01 -7.36
C ASN A 53 29.31 3.30 -5.87
N THR A 54 29.06 4.57 -5.52
CA THR A 54 28.90 4.94 -4.13
C THR A 54 27.76 4.16 -3.51
N MET A 55 26.60 4.19 -4.17
CA MET A 55 25.43 3.49 -3.67
C MET A 55 25.71 1.99 -3.44
N LEU A 56 26.31 1.34 -4.44
CA LEU A 56 26.63 -0.08 -4.36
C LEU A 56 27.68 -0.38 -3.30
N ASN A 57 28.66 0.53 -3.10
CA ASN A 57 29.71 0.36 -2.11
C ASN A 57 29.18 0.47 -0.67
N THR A 58 28.04 1.15 -0.46
CA THR A 58 27.49 1.33 0.88
C THR A 58 26.66 0.13 1.31
N VAL A 59 26.36 -0.82 0.42
CA VAL A 59 25.60 -1.99 0.79
C VAL A 59 26.36 -2.76 1.85
N GLY A 60 25.76 -2.94 3.02
CA GLY A 60 26.40 -3.71 4.08
C GLY A 60 26.12 -5.20 3.94
N GLY A 61 27.17 -6.02 3.96
CA GLY A 61 26.96 -7.43 3.78
C GLY A 61 26.54 -7.76 2.35
N HIS A 62 25.91 -8.92 2.17
CA HIS A 62 25.41 -9.36 0.88
C HIS A 62 26.52 -9.33 -0.18
N GLN A 63 27.76 -9.59 0.23
CA GLN A 63 28.88 -9.48 -0.70
C GLN A 63 28.93 -10.57 -1.77
N ALA A 64 28.36 -11.76 -1.53
CA ALA A 64 28.16 -12.72 -2.64
C ALA A 64 27.33 -12.09 -3.75
N ALA A 65 26.19 -11.50 -3.36
CA ALA A 65 25.32 -10.83 -4.32
C ALA A 65 26.08 -9.71 -5.03
N MET A 66 26.81 -8.90 -4.26
CA MET A 66 27.49 -7.76 -4.84
C MET A 66 28.56 -8.20 -5.83
N GLN A 67 29.28 -9.30 -5.55
CA GLN A 67 30.26 -9.84 -6.50
C GLN A 67 29.57 -10.35 -7.77
N MET A 68 28.41 -11.01 -7.67
CA MET A 68 27.64 -11.47 -8.83
C MET A 68 27.23 -10.28 -9.70
N LEU A 69 26.89 -9.15 -9.05
CA LEU A 69 26.60 -7.89 -9.72
C LEU A 69 27.82 -7.38 -10.47
N LYS A 70 29.00 -7.40 -9.86
CA LYS A 70 30.19 -6.96 -10.56
C LYS A 70 30.41 -7.82 -11.81
N GLU A 71 30.19 -9.13 -11.69
CA GLU A 71 30.35 -10.04 -12.81
C GLU A 71 29.36 -9.73 -13.93
N THR A 72 28.11 -9.42 -13.60
CA THR A 72 27.13 -8.99 -14.58
C THR A 72 27.56 -7.71 -15.29
N ILE A 73 28.05 -6.72 -14.54
CA ILE A 73 28.57 -5.49 -15.10
C ILE A 73 29.70 -5.76 -16.07
N ASN A 74 30.63 -6.63 -15.67
CA ASN A 74 31.76 -6.95 -16.53
C ASN A 74 31.33 -7.59 -17.84
N GLU A 75 30.30 -8.44 -17.82
CA GLU A 75 29.81 -9.07 -19.04
C GLU A 75 29.16 -8.03 -19.94
N GLU A 76 28.37 -7.11 -19.36
CA GLU A 76 27.75 -6.06 -20.15
C GLU A 76 28.79 -5.11 -20.75
N ALA A 77 29.84 -4.81 -19.97
CA ALA A 77 30.93 -3.98 -20.43
C ALA A 77 31.68 -4.61 -21.60
N ALA A 78 31.85 -5.93 -21.58
CA ALA A 78 32.57 -6.61 -22.66
C ALA A 78 31.74 -6.58 -23.94
N GLU A 79 30.42 -6.64 -23.79
CA GLU A 79 29.52 -6.59 -24.92
C GLU A 79 29.58 -5.19 -25.51
N TRP A 80 29.61 -4.18 -24.63
CA TRP A 80 29.67 -2.80 -25.08
C TRP A 80 30.95 -2.57 -25.89
N ASP A 81 32.06 -3.14 -25.43
CA ASP A 81 33.36 -2.97 -26.08
C ASP A 81 33.38 -3.60 -27.47
N ARG A 82 32.68 -4.75 -27.61
CA ARG A 82 32.61 -5.44 -28.88
C ARG A 82 31.78 -4.60 -29.84
N LEU A 83 30.65 -4.07 -29.35
CA LEU A 83 29.72 -3.28 -30.14
C LEU A 83 30.21 -1.85 -30.42
N HIS A 84 31.05 -1.26 -29.56
CA HIS A 84 31.42 0.15 -29.70
C HIS A 84 32.92 0.29 -29.50
N PRO A 85 33.77 -0.22 -30.41
CA PRO A 85 35.22 -0.23 -30.21
C PRO A 85 35.76 1.20 -30.29
N VAL A 86 36.77 1.51 -29.47
CA VAL A 86 37.36 2.84 -29.36
C VAL A 86 38.42 3.02 -30.44
N HIS A 87 38.30 4.12 -31.21
CA HIS A 87 39.27 4.51 -32.22
C HIS A 87 40.32 5.40 -31.56
N ALA A 88 41.60 5.08 -31.80
CA ALA A 88 42.72 5.79 -31.22
C ALA A 88 42.91 7.10 -31.98
N GLY A 89 43.50 8.07 -31.29
CA GLY A 89 43.86 9.32 -31.91
C GLY A 89 43.68 10.45 -30.89
N PRO A 90 44.32 11.63 -31.12
CA PRO A 90 44.18 12.74 -30.17
C PRO A 90 42.75 13.29 -30.21
N ILE A 91 42.21 13.61 -29.02
CA ILE A 91 40.84 14.09 -28.89
C ILE A 91 40.80 15.58 -29.23
N ALA A 92 39.87 15.99 -30.08
CA ALA A 92 39.85 17.37 -30.55
C ALA A 92 39.29 18.29 -29.46
N PRO A 93 39.68 19.59 -29.38
CA PRO A 93 38.95 20.56 -28.56
C PRO A 93 37.48 20.51 -29.00
N GLY A 94 36.55 20.51 -28.06
CA GLY A 94 35.15 20.42 -28.42
C GLY A 94 34.66 18.97 -28.54
N GLN A 95 35.44 18.02 -28.00
CA GLN A 95 35.06 16.62 -28.09
C GLN A 95 35.47 15.86 -26.82
N MET A 96 34.87 14.68 -26.69
CA MET A 96 35.06 13.81 -25.54
C MET A 96 35.55 12.47 -26.09
N ARG A 97 36.57 11.83 -25.50
CA ARG A 97 36.96 10.50 -25.96
C ARG A 97 35.74 9.57 -25.87
N GLU A 98 35.74 8.52 -26.71
CA GLU A 98 34.66 7.56 -26.72
C GLU A 98 34.80 6.71 -25.46
N PRO A 99 33.72 6.44 -24.72
CA PRO A 99 33.82 5.64 -23.49
C PRO A 99 33.88 4.14 -23.81
N ARG A 100 34.78 3.43 -23.14
CA ARG A 100 34.78 1.98 -23.07
C ARG A 100 33.87 1.53 -21.92
N GLY A 101 33.69 0.22 -21.83
CA GLY A 101 32.76 -0.33 -20.85
C GLY A 101 33.20 0.03 -19.44
N SER A 102 34.51 -0.11 -19.17
CA SER A 102 35.10 0.21 -17.88
C SER A 102 34.93 1.71 -17.56
N ASP A 103 34.72 2.56 -18.58
CA ASP A 103 34.48 3.97 -18.33
C ASP A 103 33.04 4.20 -17.88
N ILE A 104 32.09 3.54 -18.53
CA ILE A 104 30.69 3.62 -18.16
C ILE A 104 30.46 3.12 -16.73
N ALA A 105 31.20 2.09 -16.32
CA ALA A 105 31.08 1.57 -14.96
C ALA A 105 31.84 2.43 -13.95
N GLY A 106 32.51 3.50 -14.42
CA GLY A 106 33.20 4.45 -13.58
C GLY A 106 34.59 4.01 -13.11
N THR A 107 35.11 2.88 -13.63
CA THR A 107 36.33 2.26 -13.15
C THR A 107 37.56 2.95 -13.74
N THR A 108 37.47 3.35 -15.01
CA THR A 108 38.62 3.95 -15.70
C THR A 108 38.30 5.37 -16.17
N SER A 109 37.24 5.98 -15.65
CA SER A 109 36.80 7.31 -16.07
C SER A 109 36.83 8.22 -14.85
N THR A 110 37.09 9.52 -15.04
CA THR A 110 37.04 10.45 -13.91
C THR A 110 35.63 11.01 -13.81
N LEU A 111 35.31 11.62 -12.66
CA LEU A 111 34.05 12.33 -12.51
C LEU A 111 33.94 13.40 -13.58
N GLN A 112 35.05 14.11 -13.88
CA GLN A 112 34.98 15.16 -14.88
C GLN A 112 34.60 14.58 -16.25
N GLU A 113 35.13 13.40 -16.60
CA GLU A 113 34.79 12.76 -17.86
C GLU A 113 33.32 12.36 -17.87
N GLN A 114 32.82 11.76 -16.77
CA GLN A 114 31.43 11.35 -16.68
C GLN A 114 30.48 12.53 -16.88
N ILE A 115 30.76 13.69 -16.25
CA ILE A 115 29.96 14.89 -16.43
C ILE A 115 30.02 15.36 -17.88
N GLY A 116 31.25 15.31 -18.47
CA GLY A 116 31.49 15.63 -19.86
C GLY A 116 30.57 14.85 -20.79
N TRP A 117 30.56 13.53 -20.65
CA TRP A 117 29.68 12.68 -21.44
C TRP A 117 28.21 13.01 -21.19
N MET A 118 27.79 13.05 -19.92
CA MET A 118 26.38 13.15 -19.59
C MET A 118 25.84 14.52 -20.02
N THR A 119 26.68 15.53 -20.18
CA THR A 119 26.19 16.85 -20.54
C THR A 119 26.66 17.27 -21.93
N HIS A 120 27.25 16.36 -22.71
CA HIS A 120 27.62 16.67 -24.08
C HIS A 120 26.35 16.95 -24.86
N ASN A 121 26.50 17.66 -25.99
CA ASN A 121 25.40 17.83 -26.92
C ASN A 121 25.79 17.18 -28.25
N PRO A 122 25.27 15.98 -28.63
CA PRO A 122 24.24 15.25 -27.87
C PRO A 122 24.83 14.40 -26.73
N PRO A 123 24.08 14.14 -25.63
CA PRO A 123 24.64 13.45 -24.46
C PRO A 123 25.01 11.98 -24.71
N ILE A 124 26.12 11.52 -24.13
CA ILE A 124 26.35 10.10 -24.01
C ILE A 124 25.94 9.72 -22.59
N PRO A 125 24.78 9.04 -22.39
CA PRO A 125 24.20 8.91 -21.06
C PRO A 125 24.80 7.74 -20.27
N VAL A 126 26.05 7.90 -19.88
CA VAL A 126 26.81 6.81 -19.27
C VAL A 126 26.16 6.38 -17.96
N GLY A 127 25.54 7.30 -17.21
CA GLY A 127 24.78 6.97 -16.02
C GLY A 127 23.63 6.00 -16.31
N GLU A 128 22.85 6.32 -17.33
CA GLU A 128 21.69 5.53 -17.70
C GLU A 128 22.13 4.16 -18.25
N ILE A 129 23.20 4.11 -19.02
CA ILE A 129 23.69 2.84 -19.53
C ILE A 129 24.17 1.94 -18.40
N TYR A 130 24.94 2.53 -17.46
CA TYR A 130 25.46 1.75 -16.34
C TYR A 130 24.32 1.26 -15.48
N LYS A 131 23.34 2.11 -15.25
CA LYS A 131 22.20 1.74 -14.42
C LYS A 131 21.45 0.54 -15.01
N ARG A 132 21.33 0.51 -16.33
CA ARG A 132 20.65 -0.60 -16.96
C ARG A 132 21.41 -1.90 -16.68
N TRP A 133 22.77 -1.85 -16.71
CA TRP A 133 23.61 -3.00 -16.39
C TRP A 133 23.37 -3.44 -14.95
N ILE A 134 23.34 -2.47 -14.02
CA ILE A 134 23.17 -2.77 -12.60
C ILE A 134 21.82 -3.42 -12.41
N ILE A 135 20.77 -2.89 -13.07
CA ILE A 135 19.44 -3.45 -12.89
C ILE A 135 19.34 -4.88 -13.41
N LEU A 136 20.04 -5.18 -14.49
CA LEU A 136 20.10 -6.56 -14.97
C LEU A 136 20.73 -7.47 -13.91
N GLY A 137 21.79 -6.99 -13.24
CA GLY A 137 22.38 -7.78 -12.18
C GLY A 137 21.49 -7.91 -10.96
N LEU A 138 20.88 -6.80 -10.56
CA LEU A 138 19.97 -6.83 -9.42
C LEU A 138 18.82 -7.80 -9.67
N ASN A 139 18.32 -7.90 -10.91
CA ASN A 139 17.22 -8.81 -11.17
C ASN A 139 17.67 -10.23 -10.94
N LYS A 140 18.93 -10.53 -11.29
CA LYS A 140 19.48 -11.87 -11.13
C LYS A 140 19.54 -12.19 -9.66
N ILE A 141 19.95 -11.22 -8.84
CA ILE A 141 20.05 -11.39 -7.40
C ILE A 141 18.67 -11.59 -6.79
N VAL A 142 17.66 -10.81 -7.23
CA VAL A 142 16.32 -10.99 -6.70
C VAL A 142 15.89 -12.44 -6.93
N ARG A 143 16.06 -12.93 -8.16
CA ARG A 143 15.67 -14.27 -8.51
C ARG A 143 16.40 -15.29 -7.65
N MET A 144 17.68 -15.01 -7.38
CA MET A 144 18.52 -15.89 -6.59
C MET A 144 18.10 -15.91 -5.12
N TYR A 145 17.72 -14.79 -4.49
CA TYR A 145 17.36 -14.87 -3.09
CA TYR A 145 17.32 -14.71 -3.09
C TYR A 145 15.86 -15.14 -2.94
N SER A 146 15.14 -15.44 -4.04
CA SER A 146 13.76 -15.91 -3.99
C SER A 146 13.69 -17.37 -3.54
N PRO A 147 13.07 -17.68 -2.37
CA PRO A 147 13.08 -19.04 -1.83
C PRO A 147 12.17 -20.02 -2.56
N THR A 148 11.27 -19.53 -3.42
CA THR A 148 10.12 -20.32 -3.84
C THR A 148 9.77 -20.10 -5.31
N SER A 149 9.44 -21.21 -5.94
CA SER A 149 8.91 -21.21 -7.29
C SER A 149 7.40 -21.01 -7.23
N ILE A 150 6.88 -20.39 -8.27
CA ILE A 150 5.47 -20.26 -8.49
C ILE A 150 4.75 -21.62 -8.56
N LEU A 151 5.42 -22.66 -9.05
CA LEU A 151 4.89 -24.02 -9.03
C LEU A 151 4.57 -24.52 -7.62
N ASP A 152 5.23 -23.99 -6.59
CA ASP A 152 4.98 -24.43 -5.21
C ASP A 152 3.99 -23.53 -4.46
N ILE A 153 3.34 -22.58 -5.14
CA ILE A 153 2.38 -21.73 -4.44
C ILE A 153 0.99 -22.33 -4.65
N ARG A 154 0.48 -22.99 -3.62
CA ARG A 154 -0.79 -23.69 -3.70
C ARG A 154 -1.74 -23.19 -2.62
N GLN A 155 -2.99 -22.94 -2.99
CA GLN A 155 -3.96 -22.41 -2.04
C GLN A 155 -4.23 -23.51 -1.03
N GLY A 156 -4.20 -23.17 0.26
CA GLY A 156 -4.53 -24.18 1.24
C GLY A 156 -6.04 -24.43 1.32
N PRO A 157 -6.47 -25.56 1.94
CA PRO A 157 -7.89 -25.90 2.04
C PRO A 157 -8.79 -24.86 2.72
N LYS A 158 -8.27 -24.18 3.74
CA LYS A 158 -8.99 -23.11 4.43
C LYS A 158 -8.44 -21.71 4.11
N GLU A 159 -7.62 -21.57 3.08
CA GLU A 159 -6.93 -20.31 2.85
C GLU A 159 -7.84 -19.40 2.03
N PRO A 160 -8.14 -18.19 2.51
CA PRO A 160 -8.90 -17.25 1.69
C PRO A 160 -8.21 -17.04 0.32
N PHE A 161 -9.01 -16.98 -0.74
CA PHE A 161 -8.48 -16.94 -2.07
C PHE A 161 -7.61 -15.70 -2.22
N ARG A 162 -7.95 -14.61 -1.55
CA ARG A 162 -7.19 -13.38 -1.66
C ARG A 162 -5.77 -13.55 -1.11
N ASP A 163 -5.63 -14.27 -0.01
CA ASP A 163 -4.33 -14.50 0.59
C ASP A 163 -3.47 -15.37 -0.34
N TYR A 164 -4.10 -16.32 -1.03
CA TYR A 164 -3.41 -17.21 -1.95
C TYR A 164 -2.91 -16.38 -3.13
N VAL A 165 -3.76 -15.52 -3.66
CA VAL A 165 -3.40 -14.71 -4.81
C VAL A 165 -2.27 -13.73 -4.46
N ASP A 166 -2.36 -13.13 -3.26
CA ASP A 166 -1.27 -12.32 -2.73
C ASP A 166 0.06 -13.10 -2.73
N ARG A 167 0.06 -14.36 -2.26
CA ARG A 167 1.29 -15.13 -2.21
C ARG A 167 1.81 -15.46 -3.61
N PHE A 168 0.90 -15.77 -4.51
CA PHE A 168 1.23 -16.19 -5.86
C PHE A 168 1.94 -15.06 -6.62
N TYR A 169 1.35 -13.88 -6.62
CA TYR A 169 1.91 -12.77 -7.39
C TYR A 169 3.14 -12.18 -6.74
N LYS A 170 3.24 -12.23 -5.43
CA LYS A 170 4.45 -11.83 -4.71
C LYS A 170 5.62 -12.74 -5.13
N THR A 171 5.36 -14.05 -5.24
CA THR A 171 6.36 -15.00 -5.71
C THR A 171 6.73 -14.73 -7.17
N LEU A 172 5.72 -14.47 -8.03
CA LEU A 172 5.92 -14.19 -9.43
C LEU A 172 6.77 -12.92 -9.62
N ARG A 173 6.61 -11.90 -8.77
CA ARG A 173 7.42 -10.71 -8.86
C ARG A 173 8.92 -11.03 -8.84
N ALA A 174 9.31 -12.07 -8.10
CA ALA A 174 10.73 -12.42 -8.00
C ALA A 174 11.26 -13.24 -9.19
N GLU A 175 10.40 -13.82 -10.05
CA GLU A 175 10.83 -14.57 -11.23
C GLU A 175 11.40 -13.66 -12.32
N GLN A 176 12.41 -14.18 -13.02
CA GLN A 176 13.10 -13.42 -14.05
C GLN A 176 12.73 -13.99 -15.43
N ALA A 177 11.58 -13.50 -15.92
CA ALA A 177 11.04 -13.81 -17.24
C ALA A 177 10.38 -12.53 -17.77
N SER A 178 10.02 -12.53 -19.05
CA SER A 178 9.32 -11.38 -19.61
C SER A 178 7.89 -11.38 -19.08
N GLN A 179 7.25 -10.21 -19.24
CA GLN A 179 5.93 -9.96 -18.67
C GLN A 179 4.86 -10.79 -19.39
N GLU A 180 5.07 -10.99 -20.71
CA GLU A 180 4.20 -11.82 -21.53
C GLU A 180 4.22 -13.28 -21.04
N VAL A 181 5.42 -13.81 -20.80
CA VAL A 181 5.60 -15.17 -20.26
C VAL A 181 4.93 -15.28 -18.88
N LYS A 182 5.16 -14.29 -18.01
CA LYS A 182 4.58 -14.25 -16.67
C LYS A 182 3.04 -14.33 -16.73
N ASN A 183 2.42 -13.61 -17.68
CA ASN A 183 0.97 -13.41 -17.69
C ASN A 183 0.23 -14.68 -18.15
N ALA A 184 0.79 -15.31 -19.16
CA ALA A 184 0.03 -16.35 -19.80
C ALA A 184 0.10 -17.63 -18.96
N ALA A 185 1.31 -17.94 -18.46
CA ALA A 185 1.52 -18.98 -17.46
C ALA A 185 0.58 -18.80 -16.28
N THR A 186 0.42 -17.53 -15.88
CA THR A 186 -0.28 -17.18 -14.67
C THR A 186 -1.75 -17.51 -14.77
N GLU A 187 -2.38 -17.10 -15.88
CA GLU A 187 -3.78 -17.32 -16.17
C GLU A 187 -4.16 -18.71 -15.66
N THR A 188 -3.55 -19.71 -16.31
CA THR A 188 -3.84 -21.11 -16.08
C THR A 188 -3.31 -21.62 -14.75
N LEU A 189 -2.06 -21.30 -14.35
CA LEU A 189 -1.50 -21.82 -13.12
C LEU A 189 -2.26 -21.36 -11.87
N LEU A 190 -2.75 -20.13 -11.88
CA LEU A 190 -3.48 -19.63 -10.72
C LEU A 190 -4.69 -20.52 -10.42
N VAL A 191 -5.41 -20.91 -11.48
CA VAL A 191 -6.56 -21.80 -11.34
C VAL A 191 -6.09 -23.17 -10.91
N GLN A 192 -5.09 -23.69 -11.62
CA GLN A 192 -4.62 -25.04 -11.34
C GLN A 192 -4.15 -25.18 -9.88
N ASN A 193 -3.52 -24.14 -9.31
CA ASN A 193 -3.01 -24.29 -7.96
C ASN A 193 -4.05 -23.88 -6.91
N ALA A 194 -5.26 -23.52 -7.31
CA ALA A 194 -6.29 -23.18 -6.33
C ALA A 194 -6.76 -24.48 -5.65
N ASN A 195 -7.43 -24.34 -4.48
CA ASN A 195 -7.91 -25.49 -3.75
C ASN A 195 -9.14 -26.05 -4.47
N PRO A 196 -9.53 -27.31 -4.18
CA PRO A 196 -10.61 -27.93 -4.96
C PRO A 196 -11.92 -27.16 -5.05
N ASP A 197 -12.34 -26.52 -3.95
CA ASP A 197 -13.61 -25.79 -3.94
C ASP A 197 -13.54 -24.54 -4.83
N CYS A 198 -12.40 -23.82 -4.79
CA CYS A 198 -12.25 -22.64 -5.61
C CYS A 198 -12.09 -23.04 -7.07
N LYS A 199 -11.26 -24.07 -7.31
CA LYS A 199 -11.00 -24.53 -8.67
C LYS A 199 -12.34 -24.83 -9.36
N THR A 200 -13.26 -25.48 -8.65
CA THR A 200 -14.60 -25.80 -9.15
C THR A 200 -15.27 -24.54 -9.69
N ILE A 201 -15.39 -23.54 -8.81
CA ILE A 201 -16.01 -22.26 -9.11
C ILE A 201 -15.29 -21.58 -10.28
N LEU A 202 -13.95 -21.66 -10.30
CA LEU A 202 -13.18 -20.93 -11.28
C LEU A 202 -13.31 -21.56 -12.67
N LYS A 203 -13.35 -22.89 -12.71
CA LYS A 203 -13.67 -23.59 -13.95
C LYS A 203 -15.03 -23.10 -14.48
N ALA A 204 -16.03 -23.00 -13.59
CA ALA A 204 -17.41 -22.59 -13.92
C ALA A 204 -17.48 -21.21 -14.55
N LEU A 205 -16.54 -20.30 -14.21
CA LEU A 205 -16.53 -18.96 -14.78
C LEU A 205 -16.15 -18.98 -16.26
N GLY A 206 -15.43 -20.03 -16.65
CA GLY A 206 -14.94 -20.16 -18.02
C GLY A 206 -13.67 -19.34 -18.24
N PRO A 207 -13.00 -19.49 -19.40
CA PRO A 207 -11.82 -18.68 -19.73
C PRO A 207 -12.16 -17.19 -19.71
N GLY A 208 -11.13 -16.34 -19.54
CA GLY A 208 -11.22 -14.91 -19.77
C GLY A 208 -11.92 -14.14 -18.64
N ALA A 209 -12.12 -14.79 -17.49
CA ALA A 209 -12.54 -14.11 -16.28
C ALA A 209 -11.40 -13.21 -15.79
N THR A 210 -11.71 -12.00 -15.36
CA THR A 210 -10.72 -11.10 -14.80
C THR A 210 -10.42 -11.59 -13.38
N LEU A 211 -9.30 -11.11 -12.82
CA LEU A 211 -8.96 -11.45 -11.44
C LEU A 211 -10.08 -10.99 -10.52
N GLU A 212 -10.61 -9.79 -10.78
CA GLU A 212 -11.66 -9.27 -9.91
C GLU A 212 -12.86 -10.22 -9.88
N GLU A 213 -13.26 -10.71 -11.04
CA GLU A 213 -14.38 -11.65 -11.13
C GLU A 213 -14.02 -12.93 -10.37
N MET A 214 -12.77 -13.40 -10.49
CA MET A 214 -12.32 -14.60 -9.81
C MET A 214 -12.35 -14.46 -8.31
N MET A 215 -11.87 -13.32 -7.80
CA MET A 215 -11.84 -13.06 -6.37
C MET A 215 -13.24 -12.87 -5.80
N THR A 216 -14.16 -12.27 -6.57
CA THR A 216 -15.55 -12.17 -6.15
C THR A 216 -16.13 -13.58 -6.06
N ALA A 217 -15.93 -14.39 -7.11
CA ALA A 217 -16.50 -15.72 -7.18
C ALA A 217 -16.04 -16.61 -6.02
N CYS A 218 -14.79 -16.49 -5.55
CA CYS A 218 -14.33 -17.35 -4.47
C CYS A 218 -14.30 -16.68 -3.10
N GLN A 219 -15.03 -15.56 -2.91
CA GLN A 219 -15.04 -14.84 -1.64
C GLN A 219 -15.39 -15.72 -0.45
N GLY A 220 -16.20 -16.78 -0.64
CA GLY A 220 -16.43 -17.78 0.40
C GLY A 220 -16.84 -19.13 -0.18
N PRO B 1 30.97 23.19 2.02
CA PRO B 1 31.37 22.70 0.70
C PRO B 1 31.42 23.83 -0.34
N ILE B 2 31.94 23.50 -1.51
CA ILE B 2 31.92 24.41 -2.65
C ILE B 2 30.95 23.80 -3.65
N VAL B 3 29.93 24.57 -4.05
CA VAL B 3 28.85 24.09 -4.92
C VAL B 3 28.61 25.16 -5.99
N GLN B 4 27.89 24.83 -7.06
CA GLN B 4 27.73 25.88 -8.06
C GLN B 4 26.37 26.53 -7.87
N ASN B 5 26.34 27.86 -8.04
CA ASN B 5 25.12 28.65 -8.05
C ASN B 5 24.60 28.76 -9.49
N LEU B 6 23.59 29.62 -9.70
CA LEU B 6 22.95 29.80 -10.99
C LEU B 6 23.86 30.53 -11.97
N GLN B 7 24.61 31.53 -11.48
CA GLN B 7 25.57 32.25 -12.32
C GLN B 7 26.66 31.31 -12.86
N GLY B 8 26.65 30.03 -12.46
CA GLY B 8 27.62 29.05 -12.94
C GLY B 8 28.98 29.20 -12.26
N GLN B 9 29.02 30.01 -11.18
CA GLN B 9 30.22 30.17 -10.36
C GLN B 9 30.19 29.18 -9.20
N MET B 10 31.38 28.72 -8.82
CA MET B 10 31.55 27.89 -7.64
C MET B 10 31.58 28.81 -6.42
N VAL B 11 30.77 28.48 -5.41
CA VAL B 11 30.69 29.31 -4.21
C VAL B 11 30.65 28.42 -2.98
N HIS B 12 30.92 29.06 -1.84
CA HIS B 12 30.96 28.39 -0.55
C HIS B 12 29.56 28.28 0.02
N GLN B 13 29.23 27.09 0.51
CA GLN B 13 28.04 26.85 1.31
C GLN B 13 28.48 26.25 2.64
N CYS B 14 27.80 26.61 3.73
CA CYS B 14 28.02 26.02 5.05
C CYS B 14 27.72 24.54 5.00
N ILE B 15 28.51 23.72 5.71
CA ILE B 15 28.19 22.31 5.87
C ILE B 15 26.82 22.21 6.56
N SER B 16 25.97 21.28 6.13
CA SER B 16 24.62 21.22 6.65
C SER B 16 24.57 20.36 7.91
N PRO B 17 23.64 20.66 8.83
CA PRO B 17 23.42 19.80 9.99
C PRO B 17 23.14 18.35 9.60
N ARG B 18 22.39 18.14 8.50
CA ARG B 18 22.07 16.80 8.01
C ARG B 18 23.37 16.02 7.72
N THR B 19 24.29 16.64 6.98
CA THR B 19 25.57 16.03 6.66
C THR B 19 26.34 15.67 7.93
N LEU B 20 26.49 16.66 8.81
CA LEU B 20 27.25 16.48 10.06
C LEU B 20 26.72 15.28 10.81
N ASN B 21 25.41 15.28 11.03
CA ASN B 21 24.75 14.25 11.81
C ASN B 21 24.85 12.89 11.10
N ALA B 22 24.79 12.84 9.76
CA ALA B 22 24.84 11.57 9.03
C ALA B 22 26.20 10.90 9.27
N TRP B 23 27.26 11.70 9.22
CA TRP B 23 28.61 11.22 9.43
C TRP B 23 28.82 10.75 10.85
N VAL B 24 28.36 11.55 11.83
CA VAL B 24 28.49 11.20 13.22
C VAL B 24 27.84 9.84 13.47
N LYS B 25 26.61 9.65 12.97
CA LYS B 25 25.84 8.44 13.19
C LYS B 25 26.41 7.23 12.47
N VAL B 26 27.02 7.41 11.30
CA VAL B 26 27.59 6.28 10.58
C VAL B 26 28.79 5.73 11.34
N VAL B 27 29.64 6.62 11.88
CA VAL B 27 30.75 6.14 12.71
C VAL B 27 30.22 5.46 13.96
N GLU B 28 29.22 6.06 14.60
CA GLU B 28 28.61 5.48 15.81
C GLU B 28 28.10 4.06 15.57
N GLU B 29 27.47 3.86 14.41
CA GLU B 29 26.78 2.62 14.15
C GLU B 29 27.70 1.59 13.52
N LYS B 30 28.72 1.98 12.76
CA LYS B 30 29.42 1.02 11.91
C LYS B 30 30.91 0.98 12.20
N ALA B 31 31.42 1.89 13.02
CA ALA B 31 32.84 1.96 13.33
C ALA B 31 33.62 2.00 12.03
N PHE B 32 34.64 1.14 11.87
CA PHE B 32 35.47 1.18 10.67
C PHE B 32 35.26 -0.08 9.83
N SER B 33 34.00 -0.52 9.74
CA SER B 33 33.51 -1.36 8.65
C SER B 33 33.85 -0.74 7.30
N PRO B 34 34.14 -1.57 6.28
CA PRO B 34 34.58 -1.03 5.00
C PRO B 34 33.62 0.01 4.42
N GLU B 35 32.31 -0.14 4.65
CA GLU B 35 31.31 0.74 4.04
C GLU B 35 31.35 2.16 4.63
N VAL B 36 32.09 2.35 5.74
CA VAL B 36 32.28 3.70 6.24
C VAL B 36 33.07 4.55 5.27
N ILE B 37 33.93 3.93 4.45
CA ILE B 37 34.77 4.72 3.55
C ILE B 37 33.96 5.39 2.44
N PRO B 38 33.14 4.65 1.65
CA PRO B 38 32.32 5.32 0.63
C PRO B 38 31.28 6.28 1.24
N MET B 39 30.75 5.98 2.41
CA MET B 39 29.88 6.94 3.10
C MET B 39 30.61 8.25 3.44
N PHE B 40 31.85 8.17 3.95
CA PHE B 40 32.68 9.36 4.12
C PHE B 40 32.87 10.11 2.80
N SER B 41 33.21 9.38 1.72
CA SER B 41 33.54 10.03 0.46
C SER B 41 32.28 10.75 -0.07
N ALA B 42 31.13 10.12 0.07
CA ALA B 42 29.89 10.72 -0.41
C ALA B 42 29.45 11.93 0.43
N LEU B 43 29.61 11.83 1.75
CA LEU B 43 29.16 12.88 2.66
C LEU B 43 30.08 14.10 2.55
N SER B 44 31.31 13.92 2.07
CA SER B 44 32.31 14.98 1.97
C SER B 44 32.46 15.52 0.56
N CYS B 45 31.49 15.22 -0.31
CA CYS B 45 31.52 15.70 -1.69
C CYS B 45 31.54 17.23 -1.68
N GLY B 46 32.52 17.84 -2.36
CA GLY B 46 32.66 19.27 -2.48
C GLY B 46 33.33 19.92 -1.26
N ALA B 47 33.69 19.13 -0.26
CA ALA B 47 34.16 19.66 1.02
C ALA B 47 35.46 20.44 0.84
N THR B 48 35.61 21.55 1.61
CA THR B 48 36.89 22.20 1.83
C THR B 48 37.68 21.41 2.86
N PRO B 49 39.01 21.65 2.97
CA PRO B 49 39.78 21.12 4.10
C PRO B 49 39.15 21.44 5.45
N GLN B 50 38.64 22.67 5.61
CA GLN B 50 37.99 23.03 6.85
C GLN B 50 36.85 22.07 7.17
N ASP B 51 36.04 21.77 6.13
CA ASP B 51 34.90 20.86 6.29
C ASP B 51 35.35 19.45 6.68
N LEU B 52 36.40 18.96 5.99
CA LEU B 52 36.93 17.64 6.29
C LEU B 52 37.45 17.57 7.72
N ASN B 53 38.17 18.62 8.16
CA ASN B 53 38.61 18.67 9.54
C ASN B 53 37.44 18.62 10.51
N THR B 54 36.35 19.36 10.16
CA THR B 54 35.16 19.36 11.01
C THR B 54 34.64 17.94 11.13
N MET B 55 34.46 17.25 10.00
CA MET B 55 33.94 15.90 10.00
C MET B 55 34.85 14.98 10.84
N LEU B 56 36.19 15.05 10.66
CA LEU B 56 37.06 14.21 11.46
C LEU B 56 37.04 14.58 12.95
N ASN B 57 36.92 15.87 13.27
CA ASN B 57 36.92 16.32 14.66
C ASN B 57 35.68 15.89 15.43
N THR B 58 34.58 15.56 14.73
CA THR B 58 33.32 15.19 15.38
C THR B 58 33.24 13.70 15.60
N VAL B 59 34.20 12.92 15.11
CA VAL B 59 34.22 11.48 15.40
C VAL B 59 34.33 11.31 16.93
N GLY B 60 33.39 10.59 17.52
CA GLY B 60 33.41 10.32 18.95
C GLY B 60 34.22 9.06 19.26
N GLY B 61 35.24 9.19 20.10
CA GLY B 61 36.06 8.03 20.40
C GLY B 61 36.93 7.65 19.20
N HIS B 62 37.36 6.39 19.16
CA HIS B 62 38.22 5.92 18.08
C HIS B 62 39.44 6.82 17.93
N GLN B 63 40.01 7.33 19.05
CA GLN B 63 41.05 8.33 18.89
C GLN B 63 42.38 7.67 18.49
N ALA B 64 42.55 6.38 18.74
CA ALA B 64 43.76 5.73 18.25
C ALA B 64 43.75 5.72 16.75
N ALA B 65 42.60 5.37 16.16
CA ALA B 65 42.45 5.44 14.72
C ALA B 65 42.66 6.87 14.20
N MET B 66 42.07 7.86 14.86
CA MET B 66 42.17 9.22 14.38
C MET B 66 43.63 9.71 14.42
N GLN B 67 44.40 9.28 15.44
CA GLN B 67 45.80 9.66 15.52
C GLN B 67 46.60 8.97 14.40
N MET B 68 46.29 7.73 14.09
CA MET B 68 46.96 7.08 12.97
C MET B 68 46.60 7.81 11.67
N LEU B 69 45.38 8.36 11.58
CA LEU B 69 44.97 9.10 10.41
C LEU B 69 45.81 10.37 10.26
N LYS B 70 46.04 11.10 11.37
CA LYS B 70 46.85 12.30 11.33
C LYS B 70 48.27 11.96 10.84
N GLU B 71 48.80 10.81 11.27
CA GLU B 71 50.15 10.45 10.90
C GLU B 71 50.22 10.15 9.40
N THR B 72 49.20 9.51 8.84
CA THR B 72 49.14 9.23 7.42
C THR B 72 49.13 10.56 6.66
N ILE B 73 48.32 11.51 7.14
CA ILE B 73 48.19 12.81 6.51
C ILE B 73 49.55 13.51 6.54
N ASN B 74 50.25 13.45 7.66
CA ASN B 74 51.56 14.09 7.78
C ASN B 74 52.56 13.46 6.80
N GLU B 75 52.46 12.15 6.57
CA GLU B 75 53.34 11.49 5.62
C GLU B 75 53.03 11.97 4.20
N GLU B 76 51.74 12.03 3.84
CA GLU B 76 51.31 12.49 2.54
C GLU B 76 51.66 13.97 2.33
N ALA B 77 51.58 14.77 3.40
CA ALA B 77 51.93 16.18 3.32
C ALA B 77 53.42 16.35 3.04
N ALA B 78 54.30 15.55 3.68
CA ALA B 78 55.75 15.68 3.48
C ALA B 78 56.11 15.35 2.03
N GLU B 79 55.41 14.37 1.47
CA GLU B 79 55.63 13.95 0.09
C GLU B 79 55.17 15.06 -0.85
N TRP B 80 54.01 15.65 -0.54
CA TRP B 80 53.52 16.76 -1.34
C TRP B 80 54.60 17.82 -1.41
N ASP B 81 55.20 18.11 -0.25
CA ASP B 81 56.13 19.23 -0.13
C ASP B 81 57.40 18.95 -0.92
N ARG B 82 57.75 17.66 -0.98
CA ARG B 82 58.93 17.22 -1.70
C ARG B 82 58.68 17.35 -3.20
N LEU B 83 57.46 17.03 -3.67
CA LEU B 83 57.12 17.10 -5.08
C LEU B 83 56.78 18.53 -5.55
N HIS B 84 56.19 19.35 -4.68
CA HIS B 84 55.65 20.64 -5.07
C HIS B 84 56.16 21.73 -4.12
N PRO B 85 57.45 22.07 -4.12
CA PRO B 85 57.97 23.07 -3.18
C PRO B 85 57.50 24.50 -3.48
N VAL B 86 57.20 25.28 -2.44
CA VAL B 86 56.68 26.64 -2.58
C VAL B 86 57.83 27.56 -2.99
N HIS B 87 57.55 28.46 -3.96
CA HIS B 87 58.50 29.46 -4.43
C HIS B 87 58.16 30.81 -3.80
N ALA B 88 59.16 31.44 -3.15
CA ALA B 88 58.95 32.69 -2.45
C ALA B 88 58.68 33.81 -3.45
N GLY B 89 58.01 34.87 -2.95
CA GLY B 89 57.80 36.08 -3.72
C GLY B 89 56.37 36.59 -3.50
N PRO B 90 56.07 37.87 -3.78
CA PRO B 90 54.71 38.39 -3.54
C PRO B 90 53.71 37.84 -4.57
N ILE B 91 52.49 37.59 -4.08
CA ILE B 91 51.41 37.02 -4.87
C ILE B 91 50.75 38.12 -5.72
N ALA B 92 50.64 37.89 -7.02
CA ALA B 92 50.03 38.87 -7.91
C ALA B 92 48.52 39.00 -7.66
N PRO B 93 47.93 40.18 -7.94
CA PRO B 93 46.46 40.34 -7.97
C PRO B 93 45.74 39.21 -8.69
N GLY B 94 44.62 38.76 -8.09
CA GLY B 94 43.76 37.71 -8.64
C GLY B 94 44.43 36.34 -8.65
N GLN B 95 45.53 36.19 -7.89
CA GLN B 95 46.30 34.95 -7.88
C GLN B 95 46.36 34.42 -6.43
N MET B 96 46.84 33.18 -6.30
CA MET B 96 46.89 32.50 -5.02
C MET B 96 48.30 31.95 -4.80
N ARG B 97 48.86 32.09 -3.58
CA ARG B 97 50.13 31.47 -3.20
C ARG B 97 50.00 29.97 -3.38
N GLU B 98 51.12 29.28 -3.66
CA GLU B 98 51.08 27.84 -3.90
C GLU B 98 50.93 27.18 -2.53
N PRO B 99 50.07 26.16 -2.41
CA PRO B 99 49.83 25.51 -1.11
C PRO B 99 50.94 24.51 -0.74
N ARG B 100 51.35 24.54 0.52
CA ARG B 100 52.16 23.48 1.11
C ARG B 100 51.23 22.37 1.61
N GLY B 101 51.84 21.26 2.03
CA GLY B 101 51.10 20.11 2.56
C GLY B 101 50.18 20.52 3.70
N SER B 102 50.69 21.34 4.62
CA SER B 102 49.91 21.77 5.77
C SER B 102 48.76 22.71 5.38
N ASP B 103 48.87 23.36 4.22
CA ASP B 103 47.78 24.19 3.69
C ASP B 103 46.64 23.33 3.15
N ILE B 104 46.99 22.23 2.47
CA ILE B 104 46.03 21.28 1.97
C ILE B 104 45.26 20.62 3.12
N ALA B 105 45.95 20.31 4.23
CA ALA B 105 45.30 19.67 5.38
C ALA B 105 44.50 20.67 6.21
N GLY B 106 44.57 21.97 5.86
CA GLY B 106 43.78 23.00 6.53
C GLY B 106 44.42 23.60 7.79
N THR B 107 45.68 23.24 8.07
CA THR B 107 46.34 23.57 9.32
C THR B 107 46.92 24.99 9.25
N THR B 108 47.50 25.36 8.10
CA THR B 108 48.18 26.63 7.97
C THR B 108 47.47 27.50 6.91
N SER B 109 46.24 27.13 6.50
CA SER B 109 45.52 27.85 5.47
C SER B 109 44.21 28.36 6.07
N THR B 110 43.77 29.56 5.67
CA THR B 110 42.45 30.05 6.03
C THR B 110 41.39 29.47 5.11
N LEU B 111 40.14 29.59 5.54
CA LEU B 111 38.99 29.24 4.72
C LEU B 111 39.04 30.05 3.43
N GLN B 112 39.35 31.34 3.54
CA GLN B 112 39.31 32.19 2.35
C GLN B 112 40.38 31.73 1.35
N GLU B 113 41.52 31.21 1.83
CA GLU B 113 42.52 30.68 0.93
C GLU B 113 42.03 29.41 0.25
N GLN B 114 41.42 28.50 1.03
CA GLN B 114 40.88 27.26 0.49
C GLN B 114 39.84 27.54 -0.59
N ILE B 115 38.97 28.51 -0.35
CA ILE B 115 37.94 28.87 -1.33
C ILE B 115 38.63 29.36 -2.60
N GLY B 116 39.67 30.19 -2.41
CA GLY B 116 40.44 30.76 -3.50
C GLY B 116 41.05 29.67 -4.38
N TRP B 117 41.62 28.63 -3.75
CA TRP B 117 42.23 27.53 -4.51
C TRP B 117 41.16 26.76 -5.27
N MET B 118 40.12 26.34 -4.55
CA MET B 118 39.10 25.46 -5.08
C MET B 118 38.29 26.16 -6.19
N THR B 119 38.23 27.50 -6.20
CA THR B 119 37.41 28.25 -7.16
C THR B 119 38.27 28.99 -8.19
N HIS B 120 39.61 28.91 -8.10
CA HIS B 120 40.47 29.55 -9.07
C HIS B 120 40.29 28.91 -10.45
N ASN B 121 40.81 29.58 -11.49
CA ASN B 121 40.72 29.03 -12.82
C ASN B 121 42.15 28.86 -13.37
N PRO B 122 42.69 27.62 -13.51
CA PRO B 122 41.95 26.39 -13.18
C PRO B 122 42.04 26.08 -11.68
N PRO B 123 41.15 25.22 -11.14
CA PRO B 123 41.14 24.93 -9.70
C PRO B 123 42.43 24.26 -9.24
N ILE B 124 42.88 24.60 -8.02
CA ILE B 124 43.80 23.74 -7.28
C ILE B 124 42.96 23.02 -6.25
N PRO B 125 42.60 21.73 -6.47
CA PRO B 125 41.51 21.10 -5.73
C PRO B 125 41.99 20.56 -4.38
N VAL B 126 42.26 21.48 -3.45
CA VAL B 126 42.93 21.13 -2.19
C VAL B 126 42.03 20.24 -1.35
N GLY B 127 40.70 20.36 -1.52
CA GLY B 127 39.71 19.51 -0.88
C GLY B 127 39.79 18.06 -1.36
N GLU B 128 39.93 17.89 -2.68
CA GLU B 128 40.08 16.58 -3.28
C GLU B 128 41.44 15.99 -2.95
N ILE B 129 42.51 16.78 -2.91
CA ILE B 129 43.83 16.26 -2.60
C ILE B 129 43.84 15.76 -1.16
N TYR B 130 43.27 16.58 -0.24
CA TYR B 130 43.22 16.18 1.16
C TYR B 130 42.35 14.94 1.35
N LYS B 131 41.19 14.88 0.69
CA LYS B 131 40.33 13.73 0.81
C LYS B 131 41.05 12.43 0.42
N ARG B 132 41.94 12.52 -0.56
CA ARG B 132 42.66 11.34 -1.03
C ARG B 132 43.56 10.83 0.10
N TRP B 133 44.27 11.75 0.76
CA TRP B 133 45.12 11.45 1.90
C TRP B 133 44.32 10.82 3.03
N ILE B 134 43.15 11.40 3.31
CA ILE B 134 42.28 10.90 4.36
C ILE B 134 41.79 9.50 4.05
N ILE B 135 41.39 9.26 2.79
CA ILE B 135 40.90 7.96 2.38
C ILE B 135 42.00 6.90 2.51
N LEU B 136 43.23 7.25 2.14
CA LEU B 136 44.35 6.33 2.31
C LEU B 136 44.49 5.96 3.79
N GLY B 137 44.42 6.97 4.67
CA GLY B 137 44.48 6.71 6.10
C GLY B 137 43.34 5.83 6.58
N LEU B 138 42.11 6.08 6.09
CA LEU B 138 40.96 5.28 6.50
C LEU B 138 41.08 3.82 6.02
N ASN B 139 41.66 3.62 4.85
CA ASN B 139 41.83 2.27 4.32
C ASN B 139 42.76 1.49 5.23
N LYS B 140 43.80 2.16 5.77
CA LYS B 140 44.72 1.52 6.72
C LYS B 140 43.98 1.12 7.98
N ILE B 141 43.11 2.01 8.47
CA ILE B 141 42.34 1.76 9.68
C ILE B 141 41.38 0.59 9.50
N VAL B 142 40.64 0.58 8.40
CA VAL B 142 39.74 -0.51 8.10
C VAL B 142 40.49 -1.85 8.14
N ARG B 143 41.65 -1.92 7.51
CA ARG B 143 42.45 -3.14 7.45
C ARG B 143 42.93 -3.49 8.85
N MET B 144 43.54 -2.49 9.48
CA MET B 144 44.01 -2.59 10.85
C MET B 144 42.95 -3.18 11.77
N TYR B 145 41.68 -2.73 11.66
CA TYR B 145 40.68 -3.14 12.62
CA TYR B 145 40.57 -3.04 12.56
C TYR B 145 39.83 -4.30 12.10
N SER B 146 40.21 -4.91 10.97
CA SER B 146 39.51 -6.10 10.50
C SER B 146 39.83 -7.27 11.43
N PRO B 147 38.83 -8.00 11.97
CA PRO B 147 39.12 -9.14 12.86
C PRO B 147 39.74 -10.37 12.16
N THR B 148 39.32 -10.68 10.93
CA THR B 148 39.73 -11.89 10.22
C THR B 148 40.72 -11.62 9.09
N SER B 149 41.59 -12.61 8.85
CA SER B 149 42.44 -12.74 7.67
C SER B 149 41.73 -13.59 6.62
N ILE B 150 41.90 -13.27 5.37
CA ILE B 150 41.26 -14.01 4.28
C ILE B 150 41.68 -15.49 4.28
N LEU B 151 42.90 -15.77 4.78
CA LEU B 151 43.40 -17.14 4.86
C LEU B 151 42.59 -17.96 5.84
N ASP B 152 41.92 -17.33 6.77
CA ASP B 152 41.16 -18.10 7.74
C ASP B 152 39.68 -18.22 7.39
N ILE B 153 39.27 -17.80 6.19
CA ILE B 153 37.89 -18.01 5.76
C ILE B 153 37.79 -19.35 5.04
N ARG B 154 37.13 -20.29 5.72
CA ARG B 154 36.97 -21.66 5.26
C ARG B 154 35.52 -22.08 5.40
N GLN B 155 35.00 -22.71 4.36
CA GLN B 155 33.61 -23.12 4.38
C GLN B 155 33.40 -24.26 5.39
N GLY B 156 32.39 -24.12 6.25
CA GLY B 156 32.10 -25.17 7.23
C GLY B 156 31.44 -26.38 6.58
N PRO B 157 31.42 -27.56 7.25
CA PRO B 157 30.83 -28.77 6.67
C PRO B 157 29.38 -28.64 6.25
N LYS B 158 28.61 -27.84 6.98
CA LYS B 158 27.18 -27.68 6.78
C LYS B 158 26.83 -26.25 6.38
N GLU B 159 27.85 -25.45 6.06
CA GLU B 159 27.62 -24.04 5.75
C GLU B 159 27.23 -23.95 4.30
N PRO B 160 26.09 -23.30 3.98
CA PRO B 160 25.71 -23.05 2.59
C PRO B 160 26.80 -22.22 1.92
N PHE B 161 27.03 -22.53 0.66
CA PHE B 161 28.13 -21.94 -0.09
C PHE B 161 27.92 -20.43 -0.18
N ARG B 162 26.67 -19.99 -0.31
CA ARG B 162 26.38 -18.56 -0.34
C ARG B 162 26.83 -17.84 0.94
N ASP B 163 26.69 -18.47 2.10
CA ASP B 163 27.10 -17.83 3.34
C ASP B 163 28.63 -17.74 3.43
N TYR B 164 29.31 -18.74 2.90
CA TYR B 164 30.78 -18.76 2.90
C TYR B 164 31.30 -17.65 1.99
N VAL B 165 30.68 -17.52 0.82
CA VAL B 165 31.07 -16.52 -0.16
C VAL B 165 30.84 -15.13 0.44
N ASP B 166 29.71 -14.92 1.12
CA ASP B 166 29.45 -13.66 1.81
C ASP B 166 30.59 -13.32 2.76
N ARG B 167 30.99 -14.30 3.60
CA ARG B 167 32.04 -14.06 4.58
C ARG B 167 33.41 -13.79 3.91
N PHE B 168 33.71 -14.51 2.84
CA PHE B 168 34.98 -14.39 2.13
C PHE B 168 35.12 -12.98 1.55
N TYR B 169 34.09 -12.48 0.87
CA TYR B 169 34.19 -11.19 0.24
C TYR B 169 34.05 -10.05 1.25
N LYS B 170 33.31 -10.26 2.33
CA LYS B 170 33.25 -9.27 3.40
C LYS B 170 34.65 -9.08 3.99
N THR B 171 35.40 -10.20 4.16
CA THR B 171 36.77 -10.11 4.67
C THR B 171 37.65 -9.41 3.65
N LEU B 172 37.50 -9.77 2.37
CA LEU B 172 38.35 -9.22 1.33
C LEU B 172 38.13 -7.71 1.19
N ARG B 173 36.89 -7.28 1.44
CA ARG B 173 36.58 -5.85 1.38
C ARG B 173 37.44 -5.03 2.34
N ALA B 174 37.82 -5.57 3.51
CA ALA B 174 38.62 -4.85 4.49
C ALA B 174 40.12 -4.81 4.16
N GLU B 175 40.57 -5.63 3.22
CA GLU B 175 41.98 -5.62 2.83
C GLU B 175 42.32 -4.31 2.10
N GLN B 176 43.55 -3.87 2.32
CA GLN B 176 44.08 -2.71 1.66
C GLN B 176 45.02 -3.20 0.56
N ALA B 177 44.51 -3.15 -0.66
CA ALA B 177 45.18 -3.69 -1.81
C ALA B 177 44.35 -3.24 -3.00
N SER B 178 45.03 -3.16 -4.14
CA SER B 178 44.37 -2.92 -5.41
C SER B 178 43.37 -4.02 -5.72
N GLN B 179 42.48 -3.70 -6.64
CA GLN B 179 41.48 -4.64 -7.08
C GLN B 179 42.17 -5.84 -7.73
N GLU B 180 43.29 -5.65 -8.43
CA GLU B 180 43.95 -6.76 -9.11
C GLU B 180 44.55 -7.72 -8.10
N VAL B 181 45.08 -7.21 -6.97
CA VAL B 181 45.56 -8.08 -5.93
C VAL B 181 44.42 -8.86 -5.26
N LYS B 182 43.29 -8.18 -4.98
CA LYS B 182 42.17 -8.88 -4.37
C LYS B 182 41.64 -9.98 -5.29
N ASN B 183 41.68 -9.77 -6.61
CA ASN B 183 41.24 -10.78 -7.56
C ASN B 183 42.18 -12.02 -7.54
N ALA B 184 43.48 -11.79 -7.34
CA ALA B 184 44.46 -12.86 -7.15
C ALA B 184 44.21 -13.68 -5.88
N ALA B 185 43.78 -13.02 -4.80
CA ALA B 185 43.50 -13.70 -3.54
C ALA B 185 42.29 -14.60 -3.73
N THR B 186 41.28 -14.10 -4.44
CA THR B 186 40.10 -14.89 -4.73
C THR B 186 40.48 -16.15 -5.53
N GLU B 187 41.23 -15.98 -6.61
CA GLU B 187 41.62 -17.10 -7.47
C GLU B 187 42.43 -18.16 -6.70
N THR B 188 43.17 -17.75 -5.67
CA THR B 188 43.98 -18.62 -4.83
C THR B 188 43.19 -19.37 -3.76
N LEU B 189 42.13 -18.77 -3.17
CA LEU B 189 41.61 -19.26 -1.90
C LEU B 189 40.14 -19.71 -1.96
N LEU B 190 39.31 -19.19 -2.86
CA LEU B 190 37.85 -19.35 -2.69
C LEU B 190 37.44 -20.81 -2.91
N VAL B 191 37.83 -21.37 -4.06
CA VAL B 191 37.54 -22.78 -4.34
C VAL B 191 38.32 -23.69 -3.40
N GLN B 192 39.58 -23.33 -3.13
CA GLN B 192 40.48 -24.12 -2.30
C GLN B 192 39.97 -24.28 -0.88
N ASN B 193 39.33 -23.23 -0.35
CA ASN B 193 38.87 -23.28 1.02
C ASN B 193 37.40 -23.64 1.12
N ALA B 194 36.76 -24.03 0.01
CA ALA B 194 35.41 -24.59 0.09
C ALA B 194 35.47 -25.96 0.75
N ASN B 195 34.34 -26.44 1.25
CA ASN B 195 34.31 -27.74 1.92
C ASN B 195 34.47 -28.85 0.88
N PRO B 196 34.68 -30.12 1.30
CA PRO B 196 35.10 -31.16 0.37
C PRO B 196 34.12 -31.40 -0.78
N ASP B 197 32.83 -31.40 -0.47
CA ASP B 197 31.80 -31.66 -1.46
C ASP B 197 31.68 -30.51 -2.44
N CYS B 198 31.59 -29.27 -1.92
CA CYS B 198 31.49 -28.12 -2.81
C CYS B 198 32.76 -28.02 -3.66
N LYS B 199 33.91 -28.18 -3.02
CA LYS B 199 35.17 -28.06 -3.72
C LYS B 199 35.19 -29.01 -4.93
N THR B 200 34.69 -30.24 -4.74
CA THR B 200 34.76 -31.21 -5.82
C THR B 200 33.97 -30.71 -7.01
N ILE B 201 32.76 -30.22 -6.71
CA ILE B 201 31.86 -29.67 -7.72
C ILE B 201 32.54 -28.49 -8.42
N LEU B 202 33.15 -27.60 -7.63
CA LEU B 202 33.68 -26.37 -8.21
C LEU B 202 34.89 -26.65 -9.10
N LYS B 203 35.77 -27.56 -8.69
CA LYS B 203 36.95 -27.89 -9.49
C LYS B 203 36.55 -28.38 -10.89
N ALA B 204 35.38 -29.05 -10.97
CA ALA B 204 34.84 -29.60 -12.21
C ALA B 204 34.32 -28.52 -13.16
N LEU B 205 33.70 -27.45 -12.63
CA LEU B 205 33.24 -26.34 -13.46
C LEU B 205 34.43 -25.63 -14.07
N GLY B 206 35.51 -25.59 -13.28
CA GLY B 206 36.79 -25.12 -13.76
C GLY B 206 37.00 -23.63 -13.56
N PRO B 207 38.23 -23.15 -13.86
CA PRO B 207 38.59 -21.73 -13.70
C PRO B 207 37.64 -20.66 -14.25
N GLY B 208 36.87 -21.00 -15.28
CA GLY B 208 36.16 -20.00 -16.05
C GLY B 208 34.71 -19.79 -15.59
N ALA B 209 34.32 -20.46 -14.50
CA ALA B 209 32.93 -20.40 -14.07
C ALA B 209 32.65 -19.06 -13.39
N THR B 210 31.48 -18.49 -13.64
CA THR B 210 31.11 -17.26 -12.96
C THR B 210 30.67 -17.61 -11.52
N LEU B 211 30.63 -16.61 -10.64
CA LEU B 211 30.15 -16.86 -9.29
C LEU B 211 28.71 -17.39 -9.33
N GLU B 212 27.86 -16.83 -10.19
CA GLU B 212 26.49 -17.27 -10.31
C GLU B 212 26.43 -18.77 -10.65
N GLU B 213 27.30 -19.23 -11.55
CA GLU B 213 27.36 -20.65 -11.89
C GLU B 213 27.84 -21.47 -10.71
N MET B 214 28.87 -20.99 -10.00
CA MET B 214 29.38 -21.69 -8.84
C MET B 214 28.31 -21.83 -7.79
N MET B 215 27.55 -20.76 -7.55
CA MET B 215 26.53 -20.77 -6.51
C MET B 215 25.36 -21.66 -6.91
N THR B 216 25.04 -21.73 -8.21
CA THR B 216 24.03 -22.68 -8.67
C THR B 216 24.52 -24.12 -8.47
N ALA B 217 25.77 -24.41 -8.84
CA ALA B 217 26.30 -25.77 -8.77
C ALA B 217 26.36 -26.32 -7.34
N CYS B 218 26.56 -25.45 -6.33
CA CYS B 218 26.66 -25.92 -4.95
C CYS B 218 25.37 -25.73 -4.12
N GLN B 219 24.22 -25.44 -4.73
CA GLN B 219 23.01 -25.08 -3.99
C GLN B 219 22.57 -26.10 -2.93
N GLY B 220 22.94 -27.38 -3.05
CA GLY B 220 22.63 -28.38 -2.03
C GLY B 220 23.87 -28.96 -1.33
N VAL B 221 24.88 -29.37 -2.12
CA VAL B 221 26.14 -29.87 -1.60
C VAL B 221 26.47 -29.15 -0.28
N PRO C 1 -64.07 -18.11 7.51
CA PRO C 1 -63.93 -17.64 8.88
C PRO C 1 -64.35 -18.75 9.85
N ILE C 2 -63.94 -18.57 11.10
CA ILE C 2 -64.43 -19.35 12.22
C ILE C 2 -65.43 -18.48 12.99
N VAL C 3 -66.63 -19.01 13.20
CA VAL C 3 -67.77 -18.27 13.73
C VAL C 3 -68.44 -19.17 14.77
N GLN C 4 -69.16 -18.57 15.73
CA GLN C 4 -70.05 -19.45 16.48
C GLN C 4 -71.39 -19.50 15.77
N ASN C 5 -71.93 -20.71 15.77
CA ASN C 5 -73.20 -21.01 15.12
C ASN C 5 -74.33 -20.56 16.06
N LEU C 6 -75.57 -20.96 15.74
CA LEU C 6 -76.72 -20.62 16.57
C LEU C 6 -76.67 -21.38 17.91
N GLN C 7 -75.90 -22.48 18.04
CA GLN C 7 -75.85 -23.26 19.28
C GLN C 7 -74.50 -23.16 20.01
N GLY C 8 -73.57 -22.32 19.54
CA GLY C 8 -72.41 -21.94 20.34
C GLY C 8 -71.21 -22.90 20.26
N GLN C 9 -71.03 -23.63 19.15
CA GLN C 9 -69.75 -24.28 18.87
C GLN C 9 -69.03 -23.45 17.82
N MET C 10 -67.68 -23.42 17.85
CA MET C 10 -66.88 -22.69 16.87
C MET C 10 -66.69 -23.53 15.61
N VAL C 11 -67.26 -23.09 14.48
CA VAL C 11 -67.18 -23.87 13.25
C VAL C 11 -66.60 -23.04 12.11
N HIS C 12 -66.15 -23.76 11.10
CA HIS C 12 -65.68 -23.16 9.86
C HIS C 12 -66.85 -22.79 8.97
N GLN C 13 -66.80 -21.59 8.39
CA GLN C 13 -67.73 -21.17 7.38
C GLN C 13 -66.95 -20.59 6.20
N CYS C 14 -67.45 -20.85 4.98
CA CYS C 14 -66.89 -20.30 3.75
C CYS C 14 -66.92 -18.77 3.78
N ILE C 15 -65.85 -18.15 3.28
CA ILE C 15 -65.82 -16.72 3.09
C ILE C 15 -66.94 -16.36 2.12
N SER C 16 -67.69 -15.28 2.39
CA SER C 16 -68.87 -14.94 1.60
C SER C 16 -68.47 -14.18 0.35
N PRO C 17 -69.22 -14.35 -0.76
CA PRO C 17 -69.08 -13.48 -1.92
C PRO C 17 -69.14 -11.98 -1.60
N ARG C 18 -70.00 -11.58 -0.67
CA ARG C 18 -70.08 -10.18 -0.24
C ARG C 18 -68.77 -9.70 0.42
N THR C 19 -68.17 -10.49 1.31
CA THR C 19 -66.92 -10.09 1.93
C THR C 19 -65.84 -9.94 0.86
N LEU C 20 -65.74 -10.93 -0.04
CA LEU C 20 -64.69 -10.93 -1.05
C LEU C 20 -64.80 -9.69 -1.91
N ASN C 21 -65.98 -9.49 -2.49
CA ASN C 21 -66.24 -8.34 -3.33
C ASN C 21 -66.03 -7.01 -2.58
N ALA C 22 -66.44 -6.91 -1.31
CA ALA C 22 -66.23 -5.65 -0.58
C ALA C 22 -64.74 -5.32 -0.51
N TRP C 23 -63.91 -6.32 -0.20
CA TRP C 23 -62.48 -6.07 -0.03
C TRP C 23 -61.83 -5.68 -1.35
N VAL C 24 -62.19 -6.37 -2.43
CA VAL C 24 -61.66 -6.02 -3.75
C VAL C 24 -62.04 -4.59 -4.12
N LYS C 25 -63.28 -4.21 -3.86
CA LYS C 25 -63.77 -2.87 -4.19
C LYS C 25 -63.14 -1.78 -3.32
N VAL C 26 -62.90 -2.04 -2.05
CA VAL C 26 -62.19 -1.09 -1.20
C VAL C 26 -60.83 -0.78 -1.82
N VAL C 27 -60.07 -1.82 -2.18
CA VAL C 27 -58.73 -1.57 -2.69
C VAL C 27 -58.81 -0.86 -4.04
N GLU C 28 -59.76 -1.25 -4.91
CA GLU C 28 -59.91 -0.58 -6.19
C GLU C 28 -60.24 0.90 -6.03
N GLU C 29 -61.12 1.23 -5.09
CA GLU C 29 -61.57 2.62 -4.94
C GLU C 29 -60.57 3.46 -4.15
N LYS C 30 -59.93 2.90 -3.12
CA LYS C 30 -59.26 3.68 -2.11
C LYS C 30 -57.76 3.45 -2.05
N ALA C 31 -57.26 2.40 -2.73
CA ALA C 31 -55.85 2.05 -2.78
C ALA C 31 -55.35 1.88 -1.35
N PHE C 32 -54.25 2.54 -0.98
CA PHE C 32 -53.74 2.41 0.38
C PHE C 32 -53.89 3.69 1.17
N SER C 33 -55.06 4.30 1.09
CA SER C 33 -55.50 5.30 2.05
C SER C 33 -55.58 4.66 3.43
N PRO C 34 -55.33 5.43 4.51
CA PRO C 34 -55.30 4.83 5.84
C PRO C 34 -56.56 4.04 6.18
N GLU C 35 -57.72 4.39 5.63
CA GLU C 35 -58.98 3.77 6.04
C GLU C 35 -59.12 2.37 5.46
N VAL C 36 -58.19 1.95 4.57
CA VAL C 36 -58.21 0.59 4.06
C VAL C 36 -57.79 -0.37 5.16
N ILE C 37 -57.04 0.09 6.15
CA ILE C 37 -56.59 -0.81 7.18
C ILE C 37 -57.75 -1.24 8.09
N PRO C 38 -58.56 -0.33 8.69
CA PRO C 38 -59.62 -0.80 9.56
C PRO C 38 -60.64 -1.56 8.72
N MET C 39 -60.77 -1.22 7.43
CA MET C 39 -61.68 -1.97 6.56
C MET C 39 -61.21 -3.42 6.38
N PHE C 40 -59.91 -3.61 6.13
CA PHE C 40 -59.34 -4.94 6.07
C PHE C 40 -59.58 -5.69 7.37
N SER C 41 -59.28 -5.03 8.50
CA SER C 41 -59.40 -5.69 9.79
C SER C 41 -60.84 -6.15 10.05
N ALA C 42 -61.81 -5.35 9.66
CA ALA C 42 -63.21 -5.69 9.87
C ALA C 42 -63.70 -6.78 8.90
N LEU C 43 -63.32 -6.70 7.64
CA LEU C 43 -63.76 -7.68 6.67
C LEU C 43 -63.14 -9.04 6.92
N SER C 44 -62.03 -9.09 7.65
CA SER C 44 -61.30 -10.31 7.95
C SER C 44 -61.57 -10.80 9.37
N CYS C 45 -62.65 -10.31 9.97
CA CYS C 45 -63.06 -10.81 11.27
C CYS C 45 -63.32 -12.32 11.21
N GLY C 46 -62.65 -13.05 12.10
CA GLY C 46 -62.83 -14.49 12.19
C GLY C 46 -61.96 -15.30 11.22
N ALA C 47 -61.15 -14.61 10.37
CA ALA C 47 -60.50 -15.24 9.21
C ALA C 47 -59.49 -16.28 9.67
N THR C 48 -59.42 -17.42 8.95
CA THR C 48 -58.28 -18.32 8.96
C THR C 48 -57.16 -17.72 8.17
N PRO C 49 -55.92 -18.23 8.33
CA PRO C 49 -54.85 -17.84 7.42
C PRO C 49 -55.18 -18.05 5.95
N GLN C 50 -55.85 -19.17 5.63
CA GLN C 50 -56.30 -19.40 4.28
C GLN C 50 -57.16 -18.26 3.77
N ASP C 51 -58.12 -17.79 4.58
CA ASP C 51 -58.95 -16.68 4.16
C ASP C 51 -58.14 -15.39 3.95
N LEU C 52 -57.24 -15.08 4.88
CA LEU C 52 -56.42 -13.89 4.73
C LEU C 52 -55.59 -13.98 3.45
N ASN C 53 -55.03 -15.17 3.15
CA ASN C 53 -54.31 -15.34 1.90
C ASN C 53 -55.20 -15.05 0.71
N THR C 54 -56.45 -15.56 0.78
CA THR C 54 -57.39 -15.38 -0.32
C THR C 54 -57.62 -13.88 -0.55
N MET C 55 -57.86 -13.17 0.55
CA MET C 55 -58.11 -11.73 0.47
C MET C 55 -56.92 -11.02 -0.16
N LEU C 56 -55.69 -11.33 0.30
CA LEU C 56 -54.52 -10.69 -0.25
C LEU C 56 -54.30 -11.07 -1.71
N ASN C 57 -54.57 -12.32 -2.09
CA ASN C 57 -54.35 -12.78 -3.44
C ASN C 57 -55.29 -12.13 -4.46
N THR C 58 -56.45 -11.63 -4.00
CA THR C 58 -57.45 -11.06 -4.89
C THR C 58 -57.21 -9.60 -5.18
N VAL C 59 -56.22 -8.96 -4.51
CA VAL C 59 -55.87 -7.57 -4.76
C VAL C 59 -55.36 -7.49 -6.18
N GLY C 60 -55.95 -6.59 -6.95
CA GLY C 60 -55.56 -6.41 -8.33
C GLY C 60 -54.52 -5.31 -8.43
N GLY C 61 -53.39 -5.65 -9.06
CA GLY C 61 -52.33 -4.68 -9.19
C GLY C 61 -51.69 -4.44 -7.82
N HIS C 62 -50.99 -3.30 -7.68
CA HIS C 62 -50.33 -2.96 -6.42
C HIS C 62 -49.36 -4.08 -5.97
N GLN C 63 -48.68 -4.75 -6.91
CA GLN C 63 -47.89 -5.91 -6.55
C GLN C 63 -46.59 -5.53 -5.86
N ALA C 64 -46.08 -4.30 -6.06
CA ALA C 64 -44.92 -3.87 -5.28
C ALA C 64 -45.28 -3.82 -3.79
N ALA C 65 -46.43 -3.21 -3.46
CA ALA C 65 -46.94 -3.20 -2.10
C ALA C 65 -47.14 -4.62 -1.59
N MET C 66 -47.73 -5.50 -2.41
CA MET C 66 -48.05 -6.83 -1.94
C MET C 66 -46.76 -7.63 -1.65
N GLN C 67 -45.70 -7.35 -2.43
CA GLN C 67 -44.41 -7.99 -2.22
C GLN C 67 -43.75 -7.45 -0.94
N MET C 68 -43.84 -6.15 -0.70
CA MET C 68 -43.37 -5.62 0.59
C MET C 68 -44.12 -6.26 1.78
N LEU C 69 -45.43 -6.50 1.61
CA LEU C 69 -46.17 -7.18 2.66
C LEU C 69 -45.62 -8.58 2.91
N LYS C 70 -45.30 -9.32 1.84
CA LYS C 70 -44.77 -10.67 2.00
C LYS C 70 -43.47 -10.59 2.79
N GLU C 71 -42.63 -9.60 2.49
CA GLU C 71 -41.35 -9.45 3.20
C GLU C 71 -41.60 -9.13 4.68
N THR C 72 -42.60 -8.31 5.01
CA THR C 72 -42.92 -8.02 6.40
C THR C 72 -43.34 -9.29 7.11
N ILE C 73 -44.21 -10.05 6.43
CA ILE C 73 -44.69 -11.32 7.00
C ILE C 73 -43.52 -12.24 7.27
N ASN C 74 -42.57 -12.33 6.32
CA ASN C 74 -41.44 -13.24 6.48
C ASN C 74 -40.56 -12.84 7.68
N GLU C 75 -40.44 -11.55 7.94
CA GLU C 75 -39.67 -11.09 9.09
C GLU C 75 -40.38 -11.42 10.41
N GLU C 76 -41.70 -11.19 10.47
CA GLU C 76 -42.47 -11.51 11.65
C GLU C 76 -42.44 -13.03 11.90
N ALA C 77 -42.54 -13.82 10.83
CA ALA C 77 -42.47 -15.27 10.95
C ALA C 77 -41.10 -15.73 11.51
N ALA C 78 -39.98 -15.14 11.08
CA ALA C 78 -38.64 -15.51 11.59
C ALA C 78 -38.55 -15.24 13.09
N GLU C 79 -39.14 -14.12 13.51
CA GLU C 79 -39.20 -13.73 14.90
C GLU C 79 -40.02 -14.75 15.69
N TRP C 80 -41.18 -15.12 15.14
CA TRP C 80 -42.05 -16.09 15.79
C TRP C 80 -41.24 -17.35 16.06
N ASP C 81 -40.50 -17.80 15.04
CA ASP C 81 -39.72 -19.00 15.12
C ASP C 81 -38.67 -18.87 16.24
N ARG C 82 -38.04 -17.70 16.36
CA ARG C 82 -37.01 -17.53 17.37
C ARG C 82 -37.63 -17.70 18.76
N LEU C 83 -38.79 -17.11 18.98
CA LEU C 83 -39.44 -17.11 20.29
C LEU C 83 -40.12 -18.45 20.63
N HIS C 84 -40.46 -19.26 19.61
CA HIS C 84 -41.34 -20.41 19.78
C HIS C 84 -40.89 -21.55 18.88
N PRO C 85 -39.68 -22.10 19.09
CA PRO C 85 -39.21 -23.19 18.23
C PRO C 85 -40.03 -24.45 18.46
N VAL C 86 -40.15 -25.27 17.42
CA VAL C 86 -40.96 -26.49 17.49
C VAL C 86 -40.13 -27.63 18.07
N HIS C 87 -40.76 -28.41 18.96
CA HIS C 87 -40.16 -29.60 19.56
C HIS C 87 -40.62 -30.83 18.78
N ALA C 88 -39.64 -31.55 18.23
CA ALA C 88 -39.89 -32.74 17.44
C ALA C 88 -40.48 -33.84 18.32
N GLY C 89 -41.25 -34.72 17.67
CA GLY C 89 -41.81 -35.90 18.31
C GLY C 89 -43.22 -36.13 17.77
N PRO C 90 -43.78 -37.33 18.04
CA PRO C 90 -45.11 -37.69 17.55
C PRO C 90 -46.24 -36.99 18.30
N ILE C 91 -47.19 -36.44 17.54
CA ILE C 91 -48.30 -35.70 18.10
C ILE C 91 -49.28 -36.69 18.74
N ALA C 92 -49.70 -36.40 19.97
CA ALA C 92 -50.62 -37.27 20.70
C ALA C 92 -52.06 -37.06 20.23
N PRO C 93 -52.93 -38.09 20.39
CA PRO C 93 -54.39 -37.90 20.33
C PRO C 93 -54.80 -36.74 21.24
N GLY C 94 -55.69 -35.90 20.72
CA GLY C 94 -56.14 -34.73 21.46
C GLY C 94 -55.11 -33.62 21.47
N GLN C 95 -54.15 -33.64 20.54
CA GLN C 95 -53.19 -32.56 20.46
C GLN C 95 -52.98 -32.10 19.01
N MET C 96 -52.50 -30.86 18.91
CA MET C 96 -52.09 -30.28 17.64
C MET C 96 -50.58 -30.09 17.70
N ARG C 97 -49.88 -30.34 16.57
CA ARG C 97 -48.49 -29.94 16.39
C ARG C 97 -48.37 -28.43 16.62
N GLU C 98 -47.21 -27.97 17.08
CA GLU C 98 -47.07 -26.55 17.42
C GLU C 98 -46.82 -25.81 16.10
N PRO C 99 -47.38 -24.63 15.89
CA PRO C 99 -47.20 -23.94 14.61
C PRO C 99 -45.88 -23.19 14.49
N ARG C 100 -45.22 -23.34 13.34
CA ARG C 100 -44.11 -22.49 12.95
C ARG C 100 -44.66 -21.22 12.28
N GLY C 101 -43.78 -20.24 12.02
CA GLY C 101 -44.20 -19.03 11.37
C GLY C 101 -44.90 -19.28 10.03
N SER C 102 -44.36 -20.19 9.24
CA SER C 102 -44.91 -20.53 7.92
C SER C 102 -46.29 -21.20 8.03
N ASP C 103 -46.58 -21.80 9.18
CA ASP C 103 -47.90 -22.38 9.45
C ASP C 103 -48.95 -21.31 9.70
N ILE C 104 -48.55 -20.32 10.51
CA ILE C 104 -49.36 -19.16 10.82
C ILE C 104 -49.69 -18.37 9.55
N ALA C 105 -48.72 -18.22 8.63
CA ALA C 105 -48.99 -17.49 7.38
C ALA C 105 -49.76 -18.33 6.36
N GLY C 106 -50.04 -19.61 6.70
CA GLY C 106 -50.86 -20.47 5.86
C GLY C 106 -50.08 -21.22 4.80
N THR C 107 -48.76 -21.10 4.81
CA THR C 107 -47.92 -21.59 3.73
C THR C 107 -47.63 -23.10 3.88
N THR C 108 -47.44 -23.57 5.10
CA THR C 108 -47.04 -24.95 5.33
C THR C 108 -48.11 -25.68 6.16
N SER C 109 -49.27 -25.03 6.37
CA SER C 109 -50.31 -25.61 7.18
C SER C 109 -51.53 -25.88 6.28
N THR C 110 -52.35 -26.88 6.63
CA THR C 110 -53.61 -27.09 5.94
C THR C 110 -54.73 -26.31 6.66
N LEU C 111 -55.85 -26.13 5.93
CA LEU C 111 -57.07 -25.61 6.50
C LEU C 111 -57.47 -26.41 7.74
N GLN C 112 -57.39 -27.75 7.66
CA GLN C 112 -57.79 -28.61 8.78
C GLN C 112 -56.95 -28.28 10.00
N GLU C 113 -55.63 -28.10 9.80
CA GLU C 113 -54.74 -27.70 10.89
C GLU C 113 -55.12 -26.31 11.43
N GLN C 114 -55.40 -25.33 10.55
CA GLN C 114 -55.73 -24.00 11.02
C GLN C 114 -56.99 -24.04 11.88
N ILE C 115 -57.98 -24.82 11.43
CA ILE C 115 -59.23 -24.94 12.18
C ILE C 115 -58.93 -25.62 13.50
N GLY C 116 -58.03 -26.61 13.49
CA GLY C 116 -57.63 -27.32 14.70
C GLY C 116 -56.98 -26.40 15.73
N TRP C 117 -56.09 -25.51 15.29
CA TRP C 117 -55.51 -24.52 16.19
C TRP C 117 -56.55 -23.51 16.69
N MET C 118 -57.35 -22.94 15.79
CA MET C 118 -58.19 -21.81 16.13
C MET C 118 -59.33 -22.26 17.04
N THR C 119 -59.75 -23.54 16.95
CA THR C 119 -60.84 -24.07 17.78
C THR C 119 -60.34 -24.95 18.93
N HIS C 120 -59.04 -25.07 19.15
CA HIS C 120 -58.50 -25.83 20.27
C HIS C 120 -58.99 -25.21 21.59
N ASN C 121 -58.93 -26.02 22.66
CA ASN C 121 -59.13 -25.50 23.99
C ASN C 121 -57.83 -25.65 24.77
N PRO C 122 -57.09 -24.55 25.07
CA PRO C 122 -57.41 -23.20 24.59
C PRO C 122 -56.87 -22.93 23.18
N PRO C 123 -57.49 -21.99 22.43
CA PRO C 123 -57.13 -21.77 21.03
C PRO C 123 -55.70 -21.26 20.88
N ILE C 124 -55.04 -21.67 19.80
CA ILE C 124 -53.90 -20.94 19.27
C ILE C 124 -54.43 -20.08 18.13
N PRO C 125 -54.48 -18.75 18.29
CA PRO C 125 -55.31 -17.95 17.38
C PRO C 125 -54.45 -17.55 16.18
N VAL C 126 -54.13 -18.53 15.34
CA VAL C 126 -53.21 -18.35 14.23
C VAL C 126 -53.76 -17.30 13.27
N GLY C 127 -55.09 -17.16 13.17
CA GLY C 127 -55.68 -16.16 12.29
C GLY C 127 -55.39 -14.74 12.82
N GLU C 128 -55.45 -14.60 14.15
CA GLU C 128 -55.23 -13.30 14.79
C GLU C 128 -53.78 -12.90 14.72
N ILE C 129 -52.88 -13.83 14.95
CA ILE C 129 -51.45 -13.60 14.89
C ILE C 129 -51.05 -13.19 13.47
N TYR C 130 -51.55 -13.95 12.48
CA TYR C 130 -51.23 -13.62 11.10
C TYR C 130 -51.73 -12.22 10.76
N LYS C 131 -52.94 -11.92 11.16
CA LYS C 131 -53.59 -10.67 10.86
C LYS C 131 -52.79 -9.49 11.43
N ARG C 132 -52.17 -9.69 12.58
CA ARG C 132 -51.32 -8.66 13.17
C ARG C 132 -50.11 -8.39 12.28
N TRP C 133 -49.50 -9.47 11.75
CA TRP C 133 -48.37 -9.34 10.84
C TRP C 133 -48.75 -8.61 9.55
N ILE C 134 -49.92 -8.93 9.01
CA ILE C 134 -50.43 -8.27 7.83
C ILE C 134 -50.65 -6.79 8.09
N ILE C 135 -51.28 -6.45 9.22
CA ILE C 135 -51.55 -5.06 9.56
C ILE C 135 -50.26 -4.26 9.66
N LEU C 136 -49.24 -4.84 10.28
CA LEU C 136 -47.93 -4.19 10.38
C LEU C 136 -47.43 -3.84 8.97
N GLY C 137 -47.58 -4.80 8.06
CA GLY C 137 -47.14 -4.55 6.69
C GLY C 137 -47.98 -3.49 5.99
N LEU C 138 -49.30 -3.53 6.19
CA LEU C 138 -50.16 -2.54 5.58
C LEU C 138 -49.84 -1.15 6.09
N ASN C 139 -49.56 -1.02 7.37
CA ASN C 139 -49.14 0.30 7.91
C ASN C 139 -47.94 0.87 7.16
N LYS C 140 -46.96 -0.01 6.84
CA LYS C 140 -45.74 0.39 6.14
C LYS C 140 -46.12 0.89 4.77
N ILE C 141 -47.05 0.18 4.12
CA ILE C 141 -47.51 0.52 2.79
C ILE C 141 -48.29 1.84 2.77
N VAL C 142 -49.22 2.03 3.69
CA VAL C 142 -49.88 3.33 3.79
C VAL C 142 -48.86 4.48 3.89
N ARG C 143 -47.86 4.31 4.77
CA ARG C 143 -46.85 5.35 5.00
C ARG C 143 -46.05 5.57 3.71
N MET C 144 -45.50 4.49 3.17
CA MET C 144 -44.72 4.51 1.94
C MET C 144 -45.44 5.31 0.84
N TYR C 145 -46.74 5.08 0.69
CA TYR C 145 -47.51 5.66 -0.40
C TYR C 145 -48.23 6.96 -0.02
N SER C 146 -47.95 7.49 1.18
CA SER C 146 -48.54 8.77 1.53
C SER C 146 -47.79 9.85 0.75
N PRO C 147 -48.51 10.73 0.02
CA PRO C 147 -47.80 11.73 -0.76
C PRO C 147 -47.19 12.91 0.00
N THR C 148 -47.38 13.03 1.34
CA THR C 148 -46.91 14.20 2.10
C THR C 148 -46.52 13.86 3.53
N SER C 149 -45.55 14.63 4.03
CA SER C 149 -45.13 14.62 5.42
C SER C 149 -45.98 15.61 6.24
N ILE C 150 -46.22 15.28 7.51
CA ILE C 150 -46.92 16.19 8.43
C ILE C 150 -46.17 17.51 8.57
N LEU C 151 -44.85 17.50 8.42
CA LEU C 151 -44.08 18.73 8.54
C LEU C 151 -44.33 19.74 7.42
N ASP C 152 -44.89 19.30 6.28
CA ASP C 152 -45.15 20.20 5.15
C ASP C 152 -46.61 20.68 5.08
N ILE C 153 -47.45 20.38 6.08
CA ILE C 153 -48.83 20.85 6.07
C ILE C 153 -48.86 22.24 6.71
N ARG C 154 -49.12 23.24 5.86
CA ARG C 154 -49.11 24.65 6.23
C ARG C 154 -50.40 25.29 5.78
N GLN C 155 -51.05 26.06 6.66
CA GLN C 155 -52.31 26.68 6.30
C GLN C 155 -52.02 27.77 5.28
N GLY C 156 -52.85 27.82 4.23
CA GLY C 156 -52.72 28.88 3.26
C GLY C 156 -53.29 30.20 3.78
N PRO C 157 -52.87 31.33 3.18
CA PRO C 157 -53.30 32.66 3.62
C PRO C 157 -54.81 32.88 3.59
N LYS C 158 -55.53 32.24 2.67
CA LYS C 158 -56.97 32.35 2.59
C LYS C 158 -57.65 31.01 2.85
N GLU C 159 -56.92 30.07 3.47
CA GLU C 159 -57.45 28.72 3.61
C GLU C 159 -58.28 28.72 4.88
N PRO C 160 -59.54 28.29 4.86
CA PRO C 160 -60.33 28.16 6.10
C PRO C 160 -59.60 27.24 7.06
N PHE C 161 -59.61 27.59 8.34
CA PHE C 161 -58.94 26.81 9.35
C PHE C 161 -59.42 25.36 9.33
N ARG C 162 -60.72 25.13 9.11
CA ARG C 162 -61.25 23.77 9.11
C ARG C 162 -60.61 22.94 8.00
N ASP C 163 -60.38 23.54 6.84
CA ASP C 163 -59.79 22.82 5.71
C ASP C 163 -58.33 22.46 6.00
N TYR C 164 -57.61 23.37 6.65
CA TYR C 164 -56.25 23.11 7.10
C TYR C 164 -56.20 21.96 8.10
N VAL C 165 -57.04 22.00 9.11
CA VAL C 165 -57.09 20.95 10.13
C VAL C 165 -57.45 19.61 9.49
N ASP C 166 -58.41 19.59 8.57
CA ASP C 166 -58.74 18.36 7.87
C ASP C 166 -57.50 17.78 7.15
N ARG C 167 -56.76 18.61 6.41
CA ARG C 167 -55.54 18.11 5.73
C ARG C 167 -54.46 17.69 6.73
N PHE C 168 -54.33 18.41 7.86
CA PHE C 168 -53.33 18.05 8.84
C PHE C 168 -53.55 16.63 9.37
N TYR C 169 -54.77 16.36 9.82
CA TYR C 169 -55.05 15.10 10.46
C TYR C 169 -55.14 13.97 9.43
N LYS C 170 -55.58 14.27 8.22
CA LYS C 170 -55.56 13.25 7.16
C LYS C 170 -54.12 12.81 6.88
N THR C 171 -53.17 13.74 6.88
CA THR C 171 -51.75 13.45 6.67
C THR C 171 -51.20 12.66 7.86
N LEU C 172 -51.53 13.08 9.07
CA LEU C 172 -51.12 12.41 10.28
C LEU C 172 -51.65 10.98 10.34
N ARG C 173 -52.87 10.72 9.86
CA ARG C 173 -53.39 9.36 9.85
C ARG C 173 -52.45 8.42 9.08
N ALA C 174 -51.81 8.91 8.02
CA ALA C 174 -50.92 8.08 7.21
C ALA C 174 -49.51 7.91 7.79
N GLU C 175 -49.09 8.73 8.76
CA GLU C 175 -47.78 8.57 9.40
C GLU C 175 -47.68 7.26 10.22
N GLN C 176 -46.47 6.70 10.28
CA GLN C 176 -46.25 5.44 10.97
C GLN C 176 -45.56 5.76 12.30
N ALA C 177 -46.34 5.77 13.39
CA ALA C 177 -45.89 6.26 14.68
C ALA C 177 -46.96 5.91 15.70
N SER C 178 -46.54 5.83 16.98
CA SER C 178 -47.45 5.53 18.07
C SER C 178 -48.40 6.71 18.23
N GLN C 179 -49.58 6.46 18.83
CA GLN C 179 -50.54 7.50 19.06
C GLN C 179 -49.92 8.63 19.89
N GLU C 180 -49.10 8.30 20.91
CA GLU C 180 -48.46 9.32 21.76
C GLU C 180 -47.54 10.25 20.94
N VAL C 181 -46.82 9.67 19.97
CA VAL C 181 -45.95 10.46 19.13
C VAL C 181 -46.78 11.33 18.18
N LYS C 182 -47.85 10.77 17.61
CA LYS C 182 -48.75 11.58 16.78
C LYS C 182 -49.33 12.76 17.54
N ASN C 183 -49.71 12.57 18.82
CA ASN C 183 -50.28 13.67 19.63
C ASN C 183 -49.21 14.74 19.88
N ALA C 184 -47.95 14.31 20.05
CA ALA C 184 -46.85 15.25 20.21
C ALA C 184 -46.69 16.11 18.95
N ALA C 185 -46.89 15.49 17.76
CA ALA C 185 -46.75 16.18 16.50
C ALA C 185 -47.80 17.27 16.39
N THR C 186 -49.01 16.99 16.85
CA THR C 186 -50.05 17.99 16.90
C THR C 186 -49.60 19.21 17.70
N GLU C 187 -49.17 18.94 18.94
CA GLU C 187 -48.76 19.99 19.89
C GLU C 187 -47.64 20.81 19.29
N THR C 188 -46.70 20.15 18.60
CA THR C 188 -45.55 20.83 18.01
C THR C 188 -45.98 21.68 16.82
N LEU C 189 -46.95 21.21 15.98
CA LEU C 189 -47.04 21.71 14.61
C LEU C 189 -48.33 22.45 14.28
N LEU C 190 -49.45 22.08 14.88
CA LEU C 190 -50.73 22.56 14.37
C LEU C 190 -50.81 24.07 14.44
N VAL C 191 -50.55 24.63 15.63
CA VAL C 191 -50.57 26.09 15.78
C VAL C 191 -49.42 26.72 14.99
N GLN C 192 -48.23 26.14 15.12
CA GLN C 192 -47.04 26.69 14.50
C GLN C 192 -47.22 26.84 12.99
N ASN C 193 -47.95 25.91 12.36
CA ASN C 193 -48.09 25.97 10.91
C ASN C 193 -49.40 26.63 10.43
N ALA C 194 -50.16 27.23 11.33
CA ALA C 194 -51.31 28.00 10.92
C ALA C 194 -50.83 29.31 10.26
N ASN C 195 -51.73 29.96 9.52
CA ASN C 195 -51.41 31.17 8.80
C ASN C 195 -51.28 32.34 9.79
N PRO C 196 -50.70 33.50 9.36
CA PRO C 196 -50.45 34.58 10.31
C PRO C 196 -51.67 35.06 11.13
N ASP C 197 -52.81 35.20 10.48
CA ASP C 197 -54.02 35.67 11.13
C ASP C 197 -54.51 34.67 12.17
N CYS C 198 -54.68 33.41 11.76
CA CYS C 198 -55.14 32.38 12.68
C CYS C 198 -54.16 32.15 13.81
N LYS C 199 -52.85 32.15 13.50
CA LYS C 199 -51.83 31.94 14.49
C LYS C 199 -51.91 33.00 15.61
N THR C 200 -52.08 34.27 15.25
CA THR C 200 -52.18 35.32 16.26
C THR C 200 -53.35 35.10 17.20
N ILE C 201 -54.50 34.68 16.66
CA ILE C 201 -55.66 34.38 17.48
C ILE C 201 -55.35 33.21 18.39
N LEU C 202 -54.80 32.13 17.85
CA LEU C 202 -54.58 30.93 18.65
C LEU C 202 -53.52 31.17 19.73
N LYS C 203 -52.45 31.89 19.38
CA LYS C 203 -51.45 32.24 20.38
C LYS C 203 -52.09 33.07 21.49
N ALA C 204 -53.03 33.97 21.17
CA ALA C 204 -53.71 34.77 22.18
C ALA C 204 -54.53 33.89 23.14
N LEU C 205 -55.30 32.91 22.62
CA LEU C 205 -55.98 31.92 23.46
C LEU C 205 -54.97 31.27 24.40
N GLY C 206 -53.89 30.76 23.80
CA GLY C 206 -52.79 30.20 24.55
C GLY C 206 -52.79 28.68 24.53
N PRO C 207 -51.85 28.08 25.28
CA PRO C 207 -51.79 26.63 25.38
C PRO C 207 -53.04 26.16 26.13
N GLY C 208 -53.47 24.95 25.79
CA GLY C 208 -54.60 24.33 26.46
C GLY C 208 -55.92 24.49 25.71
N ALA C 209 -55.97 25.22 24.58
CA ALA C 209 -57.24 25.34 23.88
C ALA C 209 -57.62 23.97 23.33
N THR C 210 -58.90 23.66 23.38
CA THR C 210 -59.37 22.49 22.63
C THR C 210 -59.41 22.78 21.15
N LEU C 211 -59.46 21.69 20.36
CA LEU C 211 -59.64 21.85 18.93
C LEU C 211 -60.93 22.60 18.62
N GLU C 212 -61.99 22.28 19.35
CA GLU C 212 -63.27 22.96 19.17
C GLU C 212 -63.13 24.47 19.38
N GLU C 213 -62.42 24.86 20.43
CA GLU C 213 -62.18 26.27 20.71
C GLU C 213 -61.38 26.91 19.59
N MET C 214 -60.34 26.18 19.12
CA MET C 214 -59.50 26.73 18.07
C MET C 214 -60.27 26.95 16.79
N MET C 215 -61.14 25.99 16.45
CA MET C 215 -61.86 26.10 15.20
C MET C 215 -62.92 27.21 15.27
N THR C 216 -63.53 27.41 16.45
CA THR C 216 -64.45 28.54 16.64
C THR C 216 -63.70 29.86 16.50
N ALA C 217 -62.56 29.99 17.19
CA ALA C 217 -61.77 31.21 17.21
C ALA C 217 -61.30 31.62 15.81
N CYS C 218 -60.97 30.64 14.96
CA CYS C 218 -60.47 30.97 13.64
C CYS C 218 -61.54 30.95 12.54
N GLN C 219 -62.81 30.72 12.91
CA GLN C 219 -63.85 30.53 11.92
C GLN C 219 -64.10 31.85 11.16
N GLY C 220 -64.17 32.96 11.90
CA GLY C 220 -64.62 34.24 11.35
C GLY C 220 -63.57 34.90 10.47
N VAL C 221 -62.34 34.34 10.43
CA VAL C 221 -61.22 34.86 9.65
C VAL C 221 -61.53 34.68 8.16
N GLY C 222 -62.25 33.60 7.81
CA GLY C 222 -62.64 33.29 6.44
C GLY C 222 -62.13 31.93 6.02
N1 A1ADQ D . 34.33 -4.39 -3.92
N3 A1ADQ D . 34.10 0.16 -8.89
C4 A1ADQ D . 33.70 0.13 -7.56
C5 A1ADQ D . 31.39 -0.64 -7.10
C6 A1ADQ D . 30.48 -1.81 -6.87
C7 A1ADQ D . 30.19 -2.24 -5.58
C8 A1ADQ D . 29.40 -3.34 -5.42
C10 A1ADQ D . 29.21 -3.61 -7.72
C13 A1ADQ D . 35.04 2.34 -8.51
C15 A1ADQ D . 35.77 3.47 -8.90
C17 A1ADQ D . 35.73 4.27 -6.62
C20 A1ADQ D . 32.55 -0.84 -10.53
C21 A1ADQ D . 32.21 -1.89 -11.34
C22 A1ADQ D . 33.13 -2.91 -11.55
C24 A1ADQ D . 34.61 -2.00 -9.96
C26 A1ADQ D . 33.36 -5.34 -3.89
C28 A1ADQ D . 35.36 -6.21 -3.48
C1 A1ADQ D . 34.16 -2.97 -4.12
C2 A1ADQ D . 33.92 -2.61 -5.56
O1 A1ADQ D . 34.26 -3.36 -6.47
N2 A1ADQ D . 33.28 -1.46 -5.75
C3 A1ADQ D . 32.89 -1.05 -7.10
C9 A1ADQ D . 28.90 -4.06 -6.47
C11 A1ADQ D . 29.99 -2.50 -7.96
F1 A1ADQ D . 29.13 -3.76 -4.17
F2 A1ADQ D . 28.72 -4.31 -8.77
C12 A1ADQ D . 34.70 1.30 -9.45
C14 A1ADQ D . 34.66 2.19 -7.17
N4 A1ADQ D . 33.94 1.07 -6.72
C16 A1ADQ D . 36.17 4.38 -7.95
C18 A1ADQ D . 35.00 3.18 -6.25
O2 A1ADQ D . 35.00 1.30 -10.61
C19 A1ADQ D . 33.75 -0.90 -9.80
C23 A1ADQ D . 34.31 -3.00 -10.83
CL1 A1ADQ D . 32.62 -4.28 -12.49
C25 A1ADQ D . 35.39 -3.92 -10.76
N5 A1ADQ D . 36.28 -3.55 -9.87
N6 A1ADQ D . 35.82 -2.34 -9.41
C27 A1ADQ D . 34.00 -6.54 -3.65
N7 A1ADQ D . 35.56 -4.90 -3.65
C29 A1ADQ D . 36.50 -7.06 -3.09
F3 A1ADQ D . 36.95 -6.82 -1.87
F4 A1ADQ D . 37.49 -7.04 -3.95
F5 A1ADQ D . 36.14 -8.29 -2.93
N8 A1ADQ D . 35.56 -5.04 -11.57
S1 A1ADQ D . 36.87 -6.01 -11.47
C30 A1ADQ D . 38.24 -5.01 -11.96
O3 A1ADQ D . 37.01 -6.47 -10.12
O4 A1ADQ D . 36.55 -6.98 -12.49
C31 A1ADQ D . 39.57 -5.76 -11.97
C32 A1ADQ D . 36.52 -1.72 -8.32
C33 A1ADQ D . 37.74 -0.94 -8.73
F6 A1ADQ D . 37.40 0.17 -9.39
F7 A1ADQ D . 38.54 -1.64 -9.54
F8 A1ADQ D . 38.46 -0.58 -7.66
C34 A1ADQ D . 31.89 -5.46 -4.08
C35 A1ADQ D . 31.72 -6.99 -4.15
C36 A1ADQ D . 33.00 -7.65 -3.55
C37 A1ADQ D . 36.17 5.27 -5.60
C38 A1ADQ D . 35.57 5.30 -4.33
C39 A1ADQ D . 36.03 6.15 -3.37
C40 A1ADQ D . 37.11 7.01 -3.58
C41 A1ADQ D . 37.75 6.95 -4.82
C42 A1ADQ D . 37.30 6.07 -5.80
F9 A1ADQ D . 35.39 6.14 -2.17
C43 A1ADQ D . 37.59 7.94 -2.57
O5 A1ADQ D . 38.20 8.95 -2.83
I IOD E . -4.91 -23.52 4.95
N1 A1ADQ F . 43.14 16.12 17.52
N3 A1ADQ F . 43.62 19.96 12.04
C4 A1ADQ F . 42.57 19.52 12.83
C5 A1ADQ F . 41.54 17.35 12.19
C6 A1ADQ F . 41.61 15.86 12.32
C7 A1ADQ F . 40.90 15.18 13.30
C8 A1ADQ F . 41.03 13.82 13.38
C10 A1ADQ F . 42.61 13.78 11.67
C13 A1ADQ F . 42.62 22.16 12.04
C15 A1ADQ F . 42.61 23.51 11.71
C17 A1ADQ F . 40.63 23.81 13.02
C20 A1ADQ F . 44.50 18.37 10.40
C21 A1ADQ F . 45.47 17.49 9.97
C22 A1ADQ F . 46.66 17.36 10.65
C24 A1ADQ F . 45.85 18.87 12.32
C26 A1ADQ F . 43.22 14.78 17.41
C28 A1ADQ F . 44.38 15.50 19.14
C1 A1ADQ F . 42.37 17.04 16.73
C2 A1ADQ F . 43.00 17.31 15.39
O1 A1ADQ F . 44.20 17.13 15.18
N2 A1ADQ F . 42.12 17.77 14.51
C3 A1ADQ F . 42.53 18.05 13.15
C9 A1ADQ F . 41.88 13.07 12.59
C11 A1ADQ F . 42.48 15.15 11.51
F1 A1ADQ F . 40.33 13.16 14.31
F2 A1ADQ F . 43.46 13.12 10.86
C12 A1ADQ F . 43.68 21.29 11.57
C14 A1ADQ F . 41.63 21.62 12.85
N4 A1ADQ F . 41.59 20.27 13.20
C16 A1ADQ F . 41.65 24.33 12.22
C18 A1ADQ F . 40.62 22.46 13.30
O2 A1ADQ F . 44.59 21.66 10.89
C19 A1ADQ F . 44.64 19.04 11.62
C23 A1ADQ F . 46.85 18.02 11.85
CL1 A1ADQ F . 47.80 16.13 10.17
C25 A1ADQ F . 47.88 18.05 12.80
N5 A1ADQ F . 47.56 18.82 13.82
N6 A1ADQ F . 46.32 19.36 13.49
C27 A1ADQ F . 44.00 14.33 18.43
N7 A1ADQ F . 43.89 16.58 18.54
C29 A1ADQ F . 45.27 15.66 20.30
F3 A1ADQ F . 44.69 16.27 21.31
F4 A1ADQ F . 46.28 16.47 20.03
F5 A1ADQ F . 45.73 14.52 20.79
N8 A1ADQ F . 49.10 17.38 12.66
S1 A1ADQ F . 50.21 17.46 13.82
C30 A1ADQ F . 50.90 19.09 13.70
O3 A1ADQ F . 49.61 17.23 15.11
O4 A1ADQ F . 51.26 16.58 13.42
C31 A1ADQ F . 50.70 19.94 14.90
C32 A1ADQ F . 45.60 20.08 14.51
C33 A1ADQ F . 45.98 21.51 14.64
F6 A1ADQ F . 45.52 22.21 13.61
F7 A1ADQ F . 47.31 21.64 14.63
F8 A1ADQ F . 45.47 22.01 15.77
C34 A1ADQ F . 42.66 13.67 16.56
C35 A1ADQ F . 43.50 12.48 17.06
C36 A1ADQ F . 44.12 12.85 18.43
C37 A1ADQ F . 39.59 24.71 13.59
C38 A1ADQ F . 38.55 24.18 14.36
C39 A1ADQ F . 37.63 25.00 14.89
C40 A1ADQ F . 37.67 26.38 14.77
C41 A1ADQ F . 38.72 26.93 14.03
C42 A1ADQ F . 39.69 26.11 13.47
F9 A1ADQ F . 36.63 24.41 15.59
C43 A1ADQ F . 36.65 27.25 15.35
O5 A1ADQ F . 36.10 28.15 14.74
I IOD G . 29.15 -25.39 9.68
I IOD H . 36.68 12.64 21.40
N1 A1ADQ I . -47.71 -13.91 -4.88
N3 A1ADQ I . -49.23 -17.62 0.55
C4 A1ADQ I . -49.96 -16.99 -0.45
C5 A1ADQ I . -50.65 -14.64 -0.02
C6 A1ADQ I . -50.31 -13.18 -0.15
C7 A1ADQ I . -50.69 -12.40 -1.25
C8 A1ADQ I . -50.26 -11.09 -1.32
C10 A1ADQ I . -49.10 -11.31 0.70
C13 A1ADQ I . -50.64 -19.56 0.26
C15 A1ADQ I . -51.02 -20.88 0.57
C17 A1ADQ I . -52.63 -20.81 -1.23
C20 A1ADQ I . -48.41 -16.19 2.36
C21 A1ADQ I . -47.42 -15.48 2.99
C22 A1ADQ I . -46.12 -15.58 2.54
C24 A1ADQ I . -46.83 -16.97 0.74
C26 A1ADQ I . -47.42 -12.60 -4.79
C28 A1ADQ I . -46.00 -13.61 -6.12
C1 A1ADQ I . -48.82 -14.66 -4.31
C2 A1ADQ I . -48.58 -15.03 -2.86
O1 A1ADQ I . -47.45 -15.05 -2.37
N2 A1ADQ I . -49.67 -15.28 -2.17
C3 A1ADQ I . -49.63 -15.55 -0.75
C9 A1ADQ I . -49.45 -10.53 -0.36
C11 A1ADQ I . -49.48 -12.62 0.83
F1 A1ADQ I . -50.61 -10.32 -2.38
F2 A1ADQ I . -48.30 -10.78 1.68
C12 A1ADQ I . -49.58 -18.91 1.00
C14 A1ADQ I . -51.29 -18.85 -0.74
N4 A1ADQ I . -50.95 -17.53 -1.08
C16 A1ADQ I . -51.99 -21.49 -0.18
C18 A1ADQ I . -52.30 -19.48 -1.48
O2 A1ADQ I . -48.92 -19.42 1.88
C19 A1ADQ I . -48.15 -16.91 1.21
C23 A1ADQ I . -45.80 -16.30 1.42
CL1 A1ADQ I . -44.92 -14.55 3.26
C25 A1ADQ I . -44.62 -16.61 0.72
N5 A1ADQ I . -44.86 -17.36 -0.33
N6 A1ADQ I . -46.21 -17.62 -0.30
C27 A1ADQ I . -46.30 -12.39 -5.52
N7 A1ADQ I . -46.86 -14.55 -5.72
C29 A1ADQ I . -44.97 -13.92 -7.13
F3 A1ADQ I . -45.52 -14.16 -8.30
F4 A1ADQ I . -44.17 -14.90 -6.79
F5 A1ADQ I . -44.17 -12.90 -7.35
N8 A1ADQ I . -43.35 -16.22 1.09
S1 A1ADQ I . -42.03 -16.65 0.22
C30 A1ADQ I . -40.69 -15.98 1.12
O3 A1ADQ I . -41.95 -18.09 0.31
O4 A1ADQ I . -42.17 -16.10 -1.09
C31 A1ADQ I . -39.59 -16.98 1.44
C32 A1ADQ I . -46.80 -18.25 -1.46
C33 A1ADQ I . -46.68 -19.73 -1.48
F6 A1ADQ I . -47.39 -20.26 -0.48
F7 A1ADQ I . -45.42 -20.11 -1.25
F8 A1ADQ I . -47.10 -20.24 -2.66
C34 A1ADQ I . -47.89 -11.39 -4.06
C35 A1ADQ I . -46.78 -10.38 -4.38
C36 A1ADQ I . -45.91 -10.96 -5.51
C37 A1ADQ I . -53.67 -21.50 -2.05
C38 A1ADQ I . -54.37 -20.82 -3.05
C39 A1ADQ I . -55.31 -21.45 -3.80
C40 A1ADQ I . -55.55 -22.82 -3.69
C41 A1ADQ I . -54.80 -23.54 -2.77
C42 A1ADQ I . -53.86 -22.89 -1.97
F9 A1ADQ I . -56.02 -20.71 -4.70
C43 A1ADQ I . -56.55 -23.52 -4.51
O5 A1ADQ I . -57.57 -24.01 -4.06
I IOD J . -54.86 29.64 0.23
#